data_7X0N
#
_entry.id   7X0N
#
_cell.length_a   72.750
_cell.length_b   46.440
_cell.length_c   116.490
_cell.angle_alpha   90.000
_cell.angle_beta   106.580
_cell.angle_gamma   90.000
#
_symmetry.space_group_name_H-M   'P 1 21 1'
#
loop_
_entity.id
_entity.type
_entity.pdbx_description
1 polymer CbpB
2 branched beta-D-glucopyranose-(1-3)-beta-D-glucopyranose
3 water water
#
_entity_poly.entity_id   1
_entity_poly.type   'polypeptide(L)'
_entity_poly.pdbx_seq_one_letter_code
;SVKLTMWIMPNSDTPDQDLLKVVKPFTDANPHITVEPTVVDWSAALTKITAAATSGEAPDITQVGSTWTAAIGAMEGALV
ELTGKIDTSAFVESTLQSAYIKGTDKMFGMPWFTETRALFYRKDACEKAGVNPETDFATWDKFKDALKKLNGIEVDGKKL
AALGMPGKNDWNVVHNFSWWIYGAGGDFVNEEGTQATFSSENALKGIKFYSELAVEGLMDEPSLEKNTSDIESAFGDGAY
ATAFMGPWVISSYTKNKEENGNDLIDKIGVTMVPEGPAGRYAFMGGSNLVIFNSSKNKDEALELLKFFASKEAQVEYSKV
SKMLPVVKAAYEDPYFEDSLMKVFKEQVDKYGKHYASVPGWASAEVIFSEGLSKIWDNVMEVDGAYSYDKTVQIVKDVES
QINQILQETSK
;
_entity_poly.pdbx_strand_id   A,B
#
# COMPACT_ATOMS: atom_id res chain seq x y z
N SER A 1 -2.24 -36.37 0.84
CA SER A 1 -2.24 -34.94 0.54
C SER A 1 -1.29 -34.18 1.46
N VAL A 2 -0.77 -33.06 0.97
CA VAL A 2 0.18 -32.24 1.72
C VAL A 2 -0.19 -30.77 1.52
N LYS A 3 -0.34 -30.05 2.63
CA LYS A 3 -0.63 -28.62 2.60
C LYS A 3 0.66 -27.86 2.90
N LEU A 4 1.35 -27.44 1.85
CA LEU A 4 2.55 -26.61 2.02
C LEU A 4 2.15 -25.16 2.26
N THR A 5 2.65 -24.58 3.35
CA THR A 5 2.43 -23.17 3.65
C THR A 5 3.76 -22.43 3.57
N MET A 6 3.73 -21.19 3.10
CA MET A 6 4.96 -20.41 3.04
C MET A 6 4.66 -18.93 3.30
N TRP A 7 5.59 -18.28 3.98
CA TRP A 7 5.53 -16.84 4.20
C TRP A 7 6.30 -16.12 3.10
N ILE A 8 5.76 -15.01 2.60
CA ILE A 8 6.39 -14.15 1.59
C ILE A 8 6.32 -12.72 2.12
N MET A 9 7.28 -11.91 1.74
CA MET A 9 7.36 -10.48 2.11
C MET A 9 6.84 -9.72 0.90
N PRO A 10 6.16 -8.57 1.02
CA PRO A 10 5.61 -7.96 -0.16
C PRO A 10 6.53 -6.97 -0.91
N ASN A 11 6.54 -7.03 -2.23
CA ASN A 11 7.17 -6.03 -3.08
C ASN A 11 6.25 -5.66 -4.24
N SER A 12 4.96 -5.99 -4.11
CA SER A 12 3.95 -5.65 -5.10
C SER A 12 2.65 -5.39 -4.34
N ASP A 13 1.60 -5.02 -5.07
CA ASP A 13 0.31 -4.81 -4.43
C ASP A 13 -0.51 -6.10 -4.31
N THR A 14 -0.11 -7.18 -4.99
CA THR A 14 -0.77 -8.48 -4.85
C THR A 14 0.27 -9.58 -4.71
N PRO A 15 0.87 -9.73 -3.53
CA PRO A 15 1.94 -10.74 -3.37
C PRO A 15 1.44 -12.18 -3.40
N ASP A 16 0.34 -12.48 -2.72
CA ASP A 16 -0.17 -13.85 -2.71
C ASP A 16 -0.57 -14.28 -4.12
N GLN A 17 -1.15 -13.37 -4.90
CA GLN A 17 -1.60 -13.72 -6.24
C GLN A 17 -0.42 -13.92 -7.18
N ASP A 18 0.54 -12.98 -7.15
CA ASP A 18 1.74 -13.13 -7.98
C ASP A 18 2.37 -14.50 -7.76
N LEU A 19 2.50 -14.89 -6.48
CA LEU A 19 3.14 -16.17 -6.16
C LEU A 19 2.35 -17.34 -6.74
N LEU A 20 1.04 -17.36 -6.50
CA LEU A 20 0.23 -18.47 -7.02
C LEU A 20 0.29 -18.53 -8.54
N LYS A 21 0.38 -17.38 -9.20
CA LYS A 21 0.57 -17.38 -10.65
C LYS A 21 1.87 -18.10 -11.05
N VAL A 22 2.84 -18.14 -10.15
CA VAL A 22 4.15 -18.72 -10.47
C VAL A 22 4.20 -20.20 -10.11
N VAL A 23 3.54 -20.61 -9.01
CA VAL A 23 3.59 -22.00 -8.60
C VAL A 23 2.48 -22.84 -9.24
N LYS A 24 1.57 -22.23 -10.00
CA LYS A 24 0.51 -23.00 -10.61
C LYS A 24 1.03 -24.15 -11.46
N PRO A 25 2.11 -24.01 -12.25
CA PRO A 25 2.62 -25.18 -12.98
C PRO A 25 3.04 -26.31 -12.05
N PHE A 26 3.60 -25.97 -10.89
CA PHE A 26 3.99 -26.99 -9.92
C PHE A 26 2.78 -27.74 -9.38
N THR A 27 1.73 -27.01 -8.99
CA THR A 27 0.56 -27.64 -8.40
C THR A 27 -0.24 -28.42 -9.44
N ASP A 28 -0.29 -27.94 -10.68
CA ASP A 28 -0.95 -28.70 -11.74
C ASP A 28 -0.26 -30.04 -11.99
N ALA A 29 1.03 -30.13 -11.66
CA ALA A 29 1.80 -31.36 -11.88
C ALA A 29 1.98 -32.18 -10.61
N ASN A 30 1.47 -31.71 -9.47
CA ASN A 30 1.56 -32.43 -8.20
C ASN A 30 0.23 -32.30 -7.47
N PRO A 31 -0.81 -33.02 -7.94
CA PRO A 31 -2.14 -32.82 -7.34
C PRO A 31 -2.21 -33.13 -5.85
N HIS A 32 -1.26 -33.90 -5.32
CA HIS A 32 -1.24 -34.20 -3.89
C HIS A 32 -0.57 -33.14 -3.05
N ILE A 33 -0.21 -31.99 -3.64
CA ILE A 33 0.46 -30.91 -2.92
C ILE A 33 -0.29 -29.62 -3.18
N THR A 34 -0.69 -28.95 -2.10
CA THR A 34 -1.29 -27.62 -2.17
C THR A 34 -0.32 -26.62 -1.54
N VAL A 35 -0.27 -25.40 -2.09
CA VAL A 35 0.61 -24.36 -1.61
C VAL A 35 -0.23 -23.15 -1.24
N GLU A 36 -0.08 -22.69 0.00
CA GLU A 36 -0.82 -21.52 0.51
C GLU A 36 0.15 -20.45 0.99
N PRO A 37 0.26 -19.33 0.29
CA PRO A 37 1.12 -18.25 0.79
C PRO A 37 0.40 -17.35 1.79
N THR A 38 1.22 -16.71 2.63
CA THR A 38 0.76 -15.71 3.59
C THR A 38 1.78 -14.57 3.60
N VAL A 39 1.29 -13.34 3.56
CA VAL A 39 2.16 -12.17 3.50
C VAL A 39 2.57 -11.77 4.91
N VAL A 40 3.86 -11.48 5.08
CA VAL A 40 4.41 -10.88 6.29
C VAL A 40 5.16 -9.64 5.84
N ASP A 41 4.75 -8.46 6.31
CA ASP A 41 5.41 -7.25 5.82
C ASP A 41 6.85 -7.20 6.33
N TRP A 42 7.66 -6.43 5.61
CA TRP A 42 9.11 -6.45 5.83
C TRP A 42 9.47 -6.03 7.25
N SER A 43 8.77 -5.04 7.79
CA SER A 43 9.14 -4.53 9.11
C SER A 43 8.90 -5.55 10.22
N ALA A 44 8.02 -6.52 10.00
CA ALA A 44 7.73 -7.51 11.02
C ALA A 44 8.42 -8.85 10.77
N ALA A 45 9.06 -9.01 9.61
CA ALA A 45 9.49 -10.34 9.17
C ALA A 45 10.60 -10.90 10.05
N LEU A 46 11.60 -10.08 10.40
CA LEU A 46 12.69 -10.60 11.21
C LEU A 46 12.19 -11.08 12.56
N THR A 47 11.35 -10.28 13.21
CA THR A 47 10.80 -10.65 14.51
C THR A 47 9.93 -11.89 14.40
N LYS A 48 9.10 -11.96 13.36
CA LYS A 48 8.18 -13.08 13.22
C LYS A 48 8.91 -14.37 12.88
N ILE A 49 9.88 -14.31 11.97
CA ILE A 49 10.65 -15.51 11.61
C ILE A 49 11.45 -16.00 12.80
N THR A 50 12.08 -15.09 13.55
CA THR A 50 12.85 -15.48 14.72
C THR A 50 11.96 -16.18 15.74
N ALA A 51 10.78 -15.61 16.01
CA ALA A 51 9.86 -16.22 16.95
C ALA A 51 9.44 -17.61 16.47
N ALA A 52 9.07 -17.71 15.20
CA ALA A 52 8.58 -18.98 14.66
C ALA A 52 9.65 -20.06 14.66
N ALA A 53 10.93 -19.67 14.56
CA ALA A 53 12.00 -20.65 14.50
C ALA A 53 12.08 -21.46 15.79
N THR A 54 11.81 -20.82 16.93
CA THR A 54 11.93 -21.48 18.22
C THR A 54 10.60 -22.05 18.73
N SER A 55 9.48 -21.41 18.39
CA SER A 55 8.19 -21.87 18.87
C SER A 55 7.64 -23.05 18.08
N GLY A 56 8.12 -23.27 16.85
CA GLY A 56 7.56 -24.28 15.99
C GLY A 56 6.23 -23.92 15.37
N GLU A 57 5.61 -22.83 15.81
CA GLU A 57 4.40 -22.30 15.18
C GLU A 57 4.84 -21.54 13.93
N ALA A 58 5.03 -22.29 12.85
CA ALA A 58 5.67 -21.74 11.67
C ALA A 58 5.11 -22.42 10.44
N PRO A 59 5.24 -21.80 9.27
CA PRO A 59 4.90 -22.48 8.02
C PRO A 59 6.01 -23.48 7.70
N ASP A 60 5.87 -24.16 6.57
CA ASP A 60 6.93 -25.06 6.11
C ASP A 60 8.10 -24.27 5.57
N ILE A 61 7.84 -23.13 4.94
CA ILE A 61 8.83 -22.37 4.19
C ILE A 61 8.64 -20.89 4.48
N THR A 62 9.74 -20.15 4.53
CA THR A 62 9.61 -18.71 4.52
C THR A 62 10.66 -18.10 3.60
N GLN A 63 10.26 -17.06 2.90
CA GLN A 63 11.18 -16.11 2.32
C GLN A 63 11.97 -15.44 3.44
N VAL A 64 13.23 -15.15 3.18
CA VAL A 64 14.08 -14.47 4.16
C VAL A 64 14.96 -13.49 3.40
N GLY A 65 15.04 -12.26 3.90
CA GLY A 65 16.01 -11.33 3.36
C GLY A 65 17.38 -11.96 3.30
N SER A 66 18.09 -11.78 2.18
CA SER A 66 19.38 -12.42 2.00
C SER A 66 20.32 -12.10 3.17
N THR A 67 20.27 -10.87 3.67
CA THR A 67 21.19 -10.45 4.72
C THR A 67 20.84 -11.03 6.09
N TRP A 68 19.68 -11.68 6.21
CA TRP A 68 19.26 -12.30 7.45
C TRP A 68 19.48 -13.80 7.49
N THR A 69 19.81 -14.42 6.35
CA THR A 69 19.83 -15.88 6.27
C THR A 69 20.74 -16.48 7.33
N ALA A 70 21.94 -15.91 7.51
CA ALA A 70 22.90 -16.45 8.47
C ALA A 70 22.38 -16.30 9.90
N ALA A 71 21.67 -15.21 10.18
CA ALA A 71 21.13 -15.00 11.52
C ALA A 71 20.14 -16.10 11.88
N ILE A 72 19.27 -16.48 10.94
CA ILE A 72 18.29 -17.52 11.20
C ILE A 72 18.95 -18.90 11.17
N GLY A 73 19.84 -19.14 10.20
CA GLY A 73 20.49 -20.43 10.10
C GLY A 73 21.35 -20.77 11.29
N ALA A 74 21.91 -19.76 11.95
CA ALA A 74 22.74 -19.94 13.13
C ALA A 74 21.92 -20.27 14.38
N MET A 75 20.60 -20.16 14.30
CA MET A 75 19.73 -20.56 15.40
C MET A 75 19.63 -22.08 15.40
N GLU A 76 20.13 -22.71 16.45
CA GLU A 76 20.19 -24.17 16.49
C GLU A 76 18.79 -24.76 16.28
N GLY A 77 18.70 -25.73 15.38
CA GLY A 77 17.44 -26.39 15.11
C GLY A 77 16.39 -25.54 14.44
N ALA A 78 16.77 -24.40 13.88
CA ALA A 78 15.78 -23.51 13.29
C ALA A 78 15.41 -23.93 11.87
N LEU A 79 16.41 -24.21 11.04
CA LEU A 79 16.19 -24.44 9.62
C LEU A 79 16.78 -25.77 9.18
N VAL A 80 16.26 -26.28 8.07
CA VAL A 80 16.83 -27.46 7.43
C VAL A 80 18.13 -27.05 6.74
N GLU A 81 19.22 -27.71 7.09
CA GLU A 81 20.48 -27.47 6.40
C GLU A 81 20.37 -28.02 4.98
N LEU A 82 20.57 -27.16 3.99
CA LEU A 82 20.34 -27.52 2.60
C LEU A 82 21.60 -28.01 1.90
N THR A 83 22.76 -27.90 2.56
CA THR A 83 24.10 -28.32 2.03
C THR A 83 23.99 -29.68 1.31
N GLY A 84 24.19 -29.73 -0.01
CA GLY A 84 24.13 -30.96 -0.76
C GLY A 84 22.77 -31.35 -1.29
N LYS A 85 21.70 -30.78 -0.74
CA LYS A 85 20.34 -31.12 -1.13
C LYS A 85 19.84 -30.32 -2.31
N ILE A 86 20.52 -29.22 -2.67
CA ILE A 86 20.16 -28.42 -3.82
C ILE A 86 21.38 -28.26 -4.72
N ASP A 87 21.16 -28.24 -6.02
CA ASP A 87 22.24 -28.17 -7.01
C ASP A 87 22.56 -26.72 -7.29
N THR A 88 23.67 -26.24 -6.73
CA THR A 88 24.04 -24.84 -6.81
C THR A 88 24.74 -24.45 -8.10
N SER A 89 25.13 -25.42 -8.94
CA SER A 89 25.86 -25.10 -10.16
C SER A 89 25.04 -24.20 -11.08
N ALA A 90 23.72 -24.35 -11.09
CA ALA A 90 22.86 -23.57 -11.96
C ALA A 90 22.73 -22.12 -11.52
N PHE A 91 23.17 -21.78 -10.32
CA PHE A 91 22.92 -20.46 -9.75
C PHE A 91 23.99 -19.45 -10.14
N VAL A 92 23.59 -18.18 -10.19
CA VAL A 92 24.55 -17.09 -10.27
C VAL A 92 25.45 -17.18 -9.04
N GLU A 93 26.75 -17.37 -9.28
CA GLU A 93 27.70 -17.68 -8.20
C GLU A 93 27.58 -16.73 -7.02
N SER A 94 27.50 -15.43 -7.31
CA SER A 94 27.57 -14.43 -6.26
C SER A 94 26.40 -14.47 -5.30
N THR A 95 25.29 -15.10 -5.70
CA THR A 95 24.12 -15.16 -4.84
C THR A 95 24.28 -16.19 -3.72
N LEU A 96 25.28 -17.07 -3.81
CA LEU A 96 25.38 -18.16 -2.86
C LEU A 96 26.00 -17.77 -1.53
N GLN A 97 26.78 -16.69 -1.47
CA GLN A 97 27.45 -16.36 -0.21
C GLN A 97 26.45 -16.00 0.88
N SER A 98 25.33 -15.38 0.53
CA SER A 98 24.33 -15.03 1.54
C SER A 98 23.48 -16.22 1.96
N ALA A 99 23.61 -17.37 1.30
CA ALA A 99 22.89 -18.57 1.66
C ALA A 99 23.62 -19.40 2.71
N TYR A 100 24.89 -19.10 2.96
CA TYR A 100 25.71 -19.79 3.94
C TYR A 100 25.94 -18.90 5.16
N ILE A 101 26.33 -19.55 6.26
CA ILE A 101 26.92 -18.82 7.39
C ILE A 101 28.39 -18.62 7.07
N LYS A 102 28.84 -17.37 7.04
CA LYS A 102 30.23 -17.07 6.73
C LYS A 102 31.17 -17.83 7.66
N GLY A 103 32.25 -18.36 7.09
CA GLY A 103 33.20 -19.13 7.86
C GLY A 103 32.81 -20.58 8.07
N THR A 104 31.66 -20.99 7.57
CA THR A 104 31.22 -22.38 7.64
C THR A 104 30.93 -22.86 6.23
N ASP A 105 30.76 -24.19 6.10
CA ASP A 105 30.25 -24.79 4.88
C ASP A 105 28.77 -25.13 5.01
N LYS A 106 28.04 -24.40 5.85
CA LYS A 106 26.64 -24.68 6.14
C LYS A 106 25.75 -23.75 5.32
N MET A 107 24.95 -24.35 4.47
CA MET A 107 23.99 -23.64 3.64
C MET A 107 22.60 -23.84 4.24
N PHE A 108 21.99 -22.75 4.70
CA PHE A 108 20.67 -22.82 5.31
C PHE A 108 19.58 -22.16 4.47
N GLY A 109 19.94 -21.55 3.34
CA GLY A 109 18.95 -20.98 2.45
C GLY A 109 19.26 -21.34 1.01
N MET A 110 18.25 -21.18 0.16
CA MET A 110 18.40 -21.27 -1.27
C MET A 110 18.15 -19.89 -1.87
N PRO A 111 19.08 -19.34 -2.66
CA PRO A 111 18.80 -18.07 -3.31
C PRO A 111 17.52 -18.15 -4.13
N TRP A 112 16.70 -17.11 -4.02
CA TRP A 112 15.42 -17.05 -4.74
C TRP A 112 15.40 -15.93 -5.77
N PHE A 113 15.69 -14.70 -5.36
CA PHE A 113 15.82 -13.61 -6.31
C PHE A 113 16.80 -12.59 -5.79
N THR A 114 17.27 -11.74 -6.71
CA THR A 114 18.27 -10.72 -6.43
C THR A 114 17.71 -9.34 -6.72
N GLU A 115 18.20 -8.33 -5.99
CA GLU A 115 17.84 -6.97 -6.31
C GLU A 115 19.02 -6.06 -6.05
N THR A 116 19.04 -4.94 -6.77
CA THR A 116 19.99 -3.86 -6.57
C THR A 116 19.22 -2.56 -6.77
N ARG A 117 19.84 -1.46 -6.39
CA ARG A 117 19.26 -0.14 -6.52
C ARG A 117 19.98 0.61 -7.61
N ALA A 118 19.24 1.11 -8.59
CA ALA A 118 19.83 1.84 -9.70
C ALA A 118 19.27 3.26 -9.72
N LEU A 119 19.85 4.10 -10.57
CA LEU A 119 19.53 5.52 -10.63
C LEU A 119 18.44 5.75 -11.66
N PHE A 120 17.20 5.92 -11.18
CA PHE A 120 16.11 6.32 -12.05
C PHE A 120 16.20 7.81 -12.35
N TYR A 121 15.81 8.19 -13.57
CA TYR A 121 15.84 9.60 -13.93
C TYR A 121 14.67 9.94 -14.84
N ARG A 122 14.25 11.20 -14.77
CA ARG A 122 13.24 11.75 -15.66
C ARG A 122 13.89 12.26 -16.94
N LYS A 123 13.57 11.63 -18.07
CA LYS A 123 14.15 12.05 -19.33
C LYS A 123 13.75 13.48 -19.70
N ASP A 124 12.50 13.84 -19.44
CA ASP A 124 12.04 15.19 -19.78
C ASP A 124 12.72 16.23 -18.90
N ALA A 125 12.88 15.95 -17.61
CA ALA A 125 13.58 16.88 -16.73
C ALA A 125 15.03 17.05 -17.16
N CYS A 126 15.70 15.96 -17.51
CA CYS A 126 17.09 16.04 -17.92
C CYS A 126 17.24 16.85 -19.21
N GLU A 127 16.39 16.58 -20.21
CA GLU A 127 16.47 17.35 -21.44
C GLU A 127 16.35 18.84 -21.16
N LYS A 128 15.38 19.23 -20.33
CA LYS A 128 15.19 20.66 -20.08
C LYS A 128 16.35 21.24 -19.30
N ALA A 129 16.97 20.44 -18.42
CA ALA A 129 18.09 20.90 -17.61
C ALA A 129 19.42 20.87 -18.36
N GLY A 130 19.45 20.35 -19.57
CA GLY A 130 20.71 20.21 -20.28
C GLY A 130 21.57 19.08 -19.75
N VAL A 131 20.94 18.07 -19.16
CA VAL A 131 21.65 16.93 -18.59
C VAL A 131 21.52 15.76 -19.55
N ASN A 132 22.67 15.19 -19.94
CA ASN A 132 22.71 13.98 -20.74
C ASN A 132 22.78 12.80 -19.78
N PRO A 133 21.69 12.07 -19.56
CA PRO A 133 21.72 11.03 -18.51
C PRO A 133 22.64 9.87 -18.82
N GLU A 134 23.06 9.71 -20.09
CA GLU A 134 23.98 8.63 -20.45
C GLU A 134 25.41 8.90 -20.01
N THR A 135 25.76 10.16 -19.75
CA THR A 135 27.14 10.50 -19.42
C THR A 135 27.26 11.29 -18.12
N ASP A 136 26.26 12.11 -17.81
CA ASP A 136 26.42 13.11 -16.76
C ASP A 136 26.16 12.57 -15.36
N PHE A 137 25.81 11.29 -15.22
CA PHE A 137 25.70 10.64 -13.92
C PHE A 137 26.85 9.67 -13.68
N ALA A 138 27.90 9.70 -14.51
CA ALA A 138 28.87 8.61 -14.53
C ALA A 138 29.73 8.58 -13.28
N THR A 139 30.00 9.74 -12.68
CA THR A 139 30.88 9.84 -11.52
C THR A 139 30.19 10.62 -10.42
N TRP A 140 30.70 10.48 -9.20
CA TRP A 140 30.18 11.29 -8.09
C TRP A 140 30.12 12.77 -8.47
N ASP A 141 31.21 13.30 -8.99
CA ASP A 141 31.29 14.74 -9.24
C ASP A 141 30.37 15.17 -10.37
N LYS A 142 30.29 14.38 -11.45
CA LYS A 142 29.38 14.72 -12.53
C LYS A 142 27.93 14.58 -12.08
N PHE A 143 27.62 13.54 -11.32
CA PHE A 143 26.31 13.39 -10.71
C PHE A 143 25.93 14.64 -9.94
N LYS A 144 26.84 15.13 -9.10
CA LYS A 144 26.53 16.32 -8.31
C LYS A 144 26.30 17.54 -9.19
N ASP A 145 27.13 17.73 -10.22
CA ASP A 145 26.89 18.81 -11.18
C ASP A 145 25.50 18.69 -11.80
N ALA A 146 25.11 17.46 -12.17
CA ALA A 146 23.82 17.25 -12.80
C ALA A 146 22.68 17.60 -11.85
N LEU A 147 22.81 17.22 -10.58
CA LEU A 147 21.76 17.54 -9.61
C LEU A 147 21.57 19.04 -9.48
N LYS A 148 22.67 19.80 -9.52
CA LYS A 148 22.56 21.25 -9.40
C LYS A 148 21.76 21.85 -10.55
N LYS A 149 21.93 21.31 -11.75
CA LYS A 149 21.17 21.79 -12.90
C LYS A 149 19.73 21.31 -12.89
N LEU A 150 19.47 20.17 -12.24
CA LEU A 150 18.12 19.62 -12.15
C LEU A 150 17.34 20.20 -10.98
N ASN A 151 18.01 20.82 -10.01
CA ASN A 151 17.37 21.30 -8.80
C ASN A 151 16.37 22.39 -9.12
N GLY A 152 15.08 22.12 -8.88
CA GLY A 152 14.05 23.10 -9.18
C GLY A 152 13.67 23.20 -10.64
N ILE A 153 14.19 22.32 -11.49
CA ILE A 153 13.76 22.28 -12.88
C ILE A 153 12.25 22.04 -12.90
N GLU A 154 11.60 22.55 -13.94
CA GLU A 154 10.15 22.46 -14.03
C GLU A 154 9.76 21.64 -15.26
N VAL A 155 8.75 20.81 -15.08
CA VAL A 155 8.12 20.05 -16.15
C VAL A 155 6.64 20.34 -16.05
N ASP A 156 6.07 20.91 -17.12
CA ASP A 156 4.67 21.32 -17.12
C ASP A 156 4.36 22.28 -15.98
N GLY A 157 5.32 23.13 -15.63
CA GLY A 157 5.08 24.19 -14.68
C GLY A 157 5.17 23.79 -13.21
N LYS A 158 5.51 22.54 -12.91
CA LYS A 158 5.74 22.11 -11.55
C LYS A 158 7.24 21.92 -11.33
N LYS A 159 7.73 22.39 -10.19
CA LYS A 159 9.14 22.24 -9.85
C LYS A 159 9.41 20.82 -9.37
N LEU A 160 10.52 20.26 -9.82
CA LEU A 160 11.00 18.98 -9.33
C LEU A 160 12.20 19.21 -8.42
N ALA A 161 12.29 18.43 -7.35
CA ALA A 161 13.54 18.30 -6.62
C ALA A 161 14.49 17.43 -7.44
N ALA A 162 15.79 17.67 -7.30
CA ALA A 162 16.77 16.97 -8.13
C ALA A 162 16.84 15.50 -7.78
N LEU A 163 16.84 15.17 -6.49
CA LEU A 163 16.99 13.80 -6.00
C LEU A 163 16.05 13.60 -4.82
N GLY A 164 15.27 12.52 -4.88
CA GLY A 164 14.39 12.17 -3.79
C GLY A 164 14.79 10.84 -3.18
N MET A 165 15.11 10.85 -1.88
CA MET A 165 15.48 9.64 -1.18
C MET A 165 14.86 9.64 0.21
N PRO A 166 14.49 8.47 0.72
CA PRO A 166 13.92 8.38 2.07
C PRO A 166 15.01 8.49 3.13
N GLY A 167 14.58 8.94 4.31
CA GLY A 167 15.49 9.05 5.44
C GLY A 167 14.93 8.44 6.71
N LYS A 168 13.68 8.03 6.66
CA LYS A 168 13.02 7.46 7.81
C LYS A 168 13.51 6.03 8.03
N ASN A 169 13.35 5.55 9.25
CA ASN A 169 13.80 4.22 9.62
C ASN A 169 12.96 3.16 8.90
N ASP A 170 13.59 2.46 7.95
CA ASP A 170 13.15 1.14 7.47
C ASP A 170 14.44 0.40 7.12
N TRP A 171 14.33 -0.85 6.67
CA TRP A 171 15.55 -1.62 6.44
C TRP A 171 16.45 -0.98 5.38
N ASN A 172 15.89 -0.16 4.50
CA ASN A 172 16.70 0.43 3.44
C ASN A 172 17.59 1.58 3.91
N VAL A 173 17.50 1.99 5.17
CA VAL A 173 18.37 3.07 5.65
C VAL A 173 19.83 2.70 5.42
N VAL A 174 20.24 1.50 5.83
CA VAL A 174 21.65 1.12 5.66
C VAL A 174 21.92 0.76 4.21
N HIS A 175 20.95 0.12 3.53
CA HIS A 175 21.17 -0.28 2.14
C HIS A 175 21.47 0.93 1.26
N ASN A 176 20.82 2.05 1.55
CA ASN A 176 21.01 3.25 0.75
C ASN A 176 22.34 3.94 1.03
N PHE A 177 22.94 3.72 2.21
CA PHE A 177 24.30 4.19 2.45
C PHE A 177 25.35 3.24 1.90
N SER A 178 25.02 1.95 1.73
CA SER A 178 26.04 0.94 1.53
C SER A 178 27.01 1.30 0.40
N TRP A 179 26.49 1.56 -0.80
CA TRP A 179 27.39 1.70 -1.94
C TRP A 179 28.11 3.05 -1.95
N TRP A 180 27.66 4.03 -1.19
CA TRP A 180 28.43 5.26 -1.01
C TRP A 180 29.67 4.99 -0.16
N ILE A 181 29.51 4.20 0.89
CA ILE A 181 30.65 3.76 1.69
C ILE A 181 31.60 2.92 0.85
N TYR A 182 31.06 1.95 0.11
CA TYR A 182 31.91 1.12 -0.73
C TYR A 182 32.66 1.97 -1.76
N GLY A 183 31.93 2.86 -2.45
CA GLY A 183 32.52 3.66 -3.49
C GLY A 183 33.56 4.64 -3.01
N ALA A 184 33.49 5.01 -1.73
CA ALA A 184 34.53 5.83 -1.12
C ALA A 184 35.77 5.02 -0.77
N GLY A 185 35.67 3.70 -0.76
CA GLY A 185 36.75 2.87 -0.30
C GLY A 185 36.62 2.40 1.13
N GLY A 186 35.41 2.29 1.66
CA GLY A 186 35.18 1.82 3.00
C GLY A 186 34.33 0.56 2.99
N ASP A 187 34.16 0.00 4.19
CA ASP A 187 33.31 -1.16 4.34
C ASP A 187 32.71 -1.13 5.73
N PHE A 188 31.65 -1.92 5.94
CA PHE A 188 31.02 -1.98 7.25
C PHE A 188 31.81 -2.81 8.24
N VAL A 189 32.54 -3.84 7.77
CA VAL A 189 33.25 -4.75 8.65
C VAL A 189 34.58 -5.13 8.01
N ASN A 190 35.45 -5.73 8.83
CA ASN A 190 36.69 -6.30 8.33
C ASN A 190 36.39 -7.53 7.46
N GLU A 191 37.45 -8.12 6.92
CA GLU A 191 37.30 -9.29 6.04
C GLU A 191 36.55 -10.40 6.75
N GLU A 192 36.88 -10.64 8.01
CA GLU A 192 36.26 -11.73 8.77
C GLU A 192 34.83 -11.46 9.15
N GLY A 193 34.35 -10.21 9.04
CA GLY A 193 33.00 -9.88 9.47
C GLY A 193 32.83 -9.88 10.97
N THR A 194 33.90 -9.52 11.71
CA THR A 194 33.92 -9.65 13.16
C THR A 194 34.11 -8.33 13.89
N GLN A 195 34.44 -7.25 13.18
CA GLN A 195 34.55 -5.95 13.80
C GLN A 195 34.06 -4.89 12.81
N ALA A 196 33.47 -3.85 13.36
CA ALA A 196 32.94 -2.76 12.56
C ALA A 196 34.08 -1.84 12.12
N THR A 197 33.97 -1.34 10.89
CA THR A 197 35.01 -0.49 10.33
C THR A 197 34.45 0.71 9.57
N PHE A 198 33.19 1.07 9.79
CA PHE A 198 32.57 2.12 9.00
C PHE A 198 32.75 3.52 9.58
N SER A 199 33.58 3.67 10.62
CA SER A 199 34.06 4.99 11.01
C SER A 199 35.45 5.26 10.43
N SER A 200 35.88 4.47 9.45
CA SER A 200 37.15 4.72 8.80
C SER A 200 37.10 6.04 8.02
N GLU A 201 38.29 6.59 7.76
CA GLU A 201 38.40 7.81 6.97
C GLU A 201 37.61 7.70 5.66
N ASN A 202 37.76 6.57 4.95
CA ASN A 202 37.07 6.42 3.67
C ASN A 202 35.57 6.30 3.85
N ALA A 203 35.13 5.50 4.83
CA ALA A 203 33.70 5.33 5.05
C ALA A 203 33.04 6.67 5.35
N LEU A 204 33.65 7.47 6.23
CA LEU A 204 33.10 8.78 6.55
C LEU A 204 33.10 9.72 5.34
N LYS A 205 34.12 9.60 4.46
CA LYS A 205 34.11 10.40 3.25
C LYS A 205 32.86 10.10 2.41
N GLY A 206 32.49 8.82 2.32
CA GLY A 206 31.29 8.47 1.57
C GLY A 206 30.01 8.91 2.28
N ILE A 207 29.97 8.74 3.60
CA ILE A 207 28.82 9.20 4.38
C ILE A 207 28.66 10.71 4.25
N LYS A 208 29.76 11.45 4.31
CA LYS A 208 29.68 12.90 4.22
C LYS A 208 29.25 13.34 2.82
N PHE A 209 29.80 12.72 1.77
CA PHE A 209 29.47 13.17 0.43
C PHE A 209 27.99 12.95 0.14
N TYR A 210 27.47 11.80 0.54
CA TYR A 210 26.08 11.46 0.24
C TYR A 210 25.13 12.30 1.08
N SER A 211 25.34 12.33 2.40
CA SER A 211 24.41 13.05 3.26
C SER A 211 24.42 14.54 2.98
N GLU A 212 25.56 15.11 2.62
CA GLU A 212 25.57 16.56 2.39
C GLU A 212 24.97 16.95 1.05
N LEU A 213 24.60 15.99 0.21
CA LEU A 213 23.78 16.34 -0.95
C LEU A 213 22.50 17.02 -0.50
N ALA A 214 21.92 16.56 0.62
CA ALA A 214 20.71 17.18 1.16
C ALA A 214 21.02 18.50 1.84
N VAL A 215 22.15 18.58 2.55
CA VAL A 215 22.55 19.84 3.18
C VAL A 215 22.66 20.94 2.13
N GLU A 216 23.17 20.60 0.94
CA GLU A 216 23.39 21.55 -0.13
C GLU A 216 22.15 21.77 -1.01
N GLY A 217 21.02 21.18 -0.63
CA GLY A 217 19.77 21.43 -1.32
C GLY A 217 19.53 20.62 -2.57
N LEU A 218 20.38 19.64 -2.87
CA LEU A 218 20.24 18.83 -4.06
C LEU A 218 19.33 17.63 -3.83
N MET A 219 19.59 16.88 -2.77
CA MET A 219 18.65 15.87 -2.31
C MET A 219 17.56 16.54 -1.50
N ASP A 220 16.31 16.15 -1.74
CA ASP A 220 15.17 16.85 -1.17
C ASP A 220 15.07 16.62 0.33
N GLU A 221 15.18 17.70 1.10
CA GLU A 221 15.24 17.58 2.55
C GLU A 221 13.92 17.12 3.17
N PRO A 222 12.77 17.64 2.72
CA PRO A 222 11.50 17.15 3.29
C PRO A 222 11.26 15.67 3.08
N SER A 223 11.74 15.10 1.98
CA SER A 223 11.54 13.68 1.72
C SER A 223 12.30 12.79 2.70
N LEU A 224 13.31 13.34 3.38
CA LEU A 224 14.01 12.55 4.37
C LEU A 224 13.13 12.21 5.56
N GLU A 225 11.97 12.88 5.70
CA GLU A 225 11.00 12.53 6.73
C GLU A 225 10.29 11.22 6.43
N LYS A 226 10.35 10.74 5.19
CA LYS A 226 9.49 9.64 4.76
C LYS A 226 10.31 8.38 4.52
N ASN A 227 9.59 7.26 4.45
CA ASN A 227 10.21 5.96 4.22
C ASN A 227 10.27 5.65 2.72
N THR A 228 10.81 4.48 2.41
CA THR A 228 11.05 4.10 1.02
C THR A 228 9.75 4.07 0.21
N SER A 229 8.72 3.39 0.72
CA SER A 229 7.48 3.26 -0.02
C SER A 229 6.89 4.63 -0.35
N ASP A 230 6.96 5.57 0.59
CA ASP A 230 6.41 6.90 0.32
C ASP A 230 7.20 7.62 -0.76
N ILE A 231 8.52 7.48 -0.76
CA ILE A 231 9.32 8.18 -1.77
C ILE A 231 9.17 7.50 -3.12
N GLU A 232 9.03 6.16 -3.16
CA GLU A 232 8.73 5.49 -4.41
C GLU A 232 7.43 6.04 -5.01
N SER A 233 6.41 6.21 -4.17
CA SER A 233 5.14 6.76 -4.64
C SER A 233 5.32 8.19 -5.13
N ALA A 234 6.09 8.99 -4.40
CA ALA A 234 6.32 10.37 -4.80
C ALA A 234 7.00 10.45 -6.15
N PHE A 235 8.03 9.63 -6.38
CA PHE A 235 8.67 9.63 -7.69
C PHE A 235 7.67 9.25 -8.78
N GLY A 236 6.79 8.29 -8.48
CA GLY A 236 5.76 7.89 -9.43
C GLY A 236 4.74 8.98 -9.71
N ASP A 237 4.63 9.96 -8.82
CA ASP A 237 3.75 11.11 -9.04
C ASP A 237 4.52 12.32 -9.58
N GLY A 238 5.76 12.13 -10.00
CA GLY A 238 6.51 13.17 -10.68
C GLY A 238 7.29 14.12 -9.79
N ALA A 239 7.57 13.73 -8.54
CA ALA A 239 8.12 14.68 -7.57
C ALA A 239 9.59 14.97 -7.79
N TYR A 240 10.34 14.05 -8.39
CA TYR A 240 11.79 14.14 -8.41
C TYR A 240 12.34 13.85 -9.80
N ALA A 241 13.45 14.53 -10.12
CA ALA A 241 14.14 14.23 -11.37
C ALA A 241 14.88 12.91 -11.31
N THR A 242 15.37 12.52 -10.13
CA THR A 242 16.12 11.28 -9.98
C THR A 242 15.79 10.65 -8.64
N ALA A 243 16.07 9.35 -8.55
CA ALA A 243 15.93 8.60 -7.30
C ALA A 243 16.64 7.27 -7.48
N PHE A 244 17.24 6.78 -6.39
CA PHE A 244 17.83 5.45 -6.38
C PHE A 244 16.78 4.47 -5.85
N MET A 245 16.38 3.51 -6.69
CA MET A 245 15.30 2.61 -6.32
C MET A 245 15.55 1.22 -6.91
N GLY A 246 14.88 0.23 -6.34
CA GLY A 246 14.91 -1.11 -6.86
C GLY A 246 13.99 -1.27 -8.05
N PRO A 247 14.12 -2.41 -8.73
CA PRO A 247 13.41 -2.60 -10.00
C PRO A 247 11.91 -2.80 -9.87
N TRP A 248 11.42 -3.14 -8.67
CA TRP A 248 10.01 -3.43 -8.47
C TRP A 248 9.13 -2.20 -8.69
N VAL A 249 9.69 -0.99 -8.59
CA VAL A 249 8.87 0.20 -8.78
C VAL A 249 8.29 0.23 -10.19
N ILE A 250 8.94 -0.44 -11.14
CA ILE A 250 8.46 -0.43 -12.51
C ILE A 250 7.08 -1.06 -12.60
N SER A 251 6.82 -2.10 -11.81
CA SER A 251 5.47 -2.68 -11.77
C SER A 251 4.46 -1.65 -11.30
N SER A 252 4.80 -0.90 -10.26
CA SER A 252 3.86 0.08 -9.69
C SER A 252 3.55 1.17 -10.71
N TYR A 253 4.58 1.70 -11.36
CA TYR A 253 4.37 2.81 -12.29
C TYR A 253 3.64 2.35 -13.55
N THR A 254 3.88 1.11 -13.98
CA THR A 254 3.14 0.55 -15.11
C THR A 254 1.67 0.45 -14.78
N LYS A 255 1.34 0.01 -13.56
CA LYS A 255 -0.04 -0.06 -13.12
C LYS A 255 -0.66 1.32 -12.97
N ASN A 256 0.12 2.32 -12.56
CA ASN A 256 -0.43 3.66 -12.42
C ASN A 256 -0.91 4.19 -13.76
N LYS A 257 -0.18 3.89 -14.83
CA LYS A 257 -0.61 4.31 -16.16
C LYS A 257 -1.87 3.56 -16.58
N GLU A 258 -1.88 2.25 -16.37
CA GLU A 258 -3.02 1.44 -16.79
C GLU A 258 -4.29 1.84 -16.05
N GLU A 259 -4.18 2.18 -14.77
CA GLU A 259 -5.33 2.48 -13.94
C GLU A 259 -5.71 3.95 -13.89
N ASN A 260 -4.72 4.85 -13.87
CA ASN A 260 -4.97 6.26 -13.62
C ASN A 260 -4.57 7.17 -14.77
N GLY A 261 -4.00 6.62 -15.85
CA GLY A 261 -3.51 7.45 -16.92
C GLY A 261 -2.24 8.21 -16.58
N ASN A 262 -1.59 7.85 -15.48
CA ASN A 262 -0.33 8.49 -15.07
C ASN A 262 0.79 8.00 -15.96
N ASP A 263 1.33 8.88 -16.81
CA ASP A 263 2.29 8.51 -17.83
C ASP A 263 3.73 8.59 -17.36
N LEU A 264 3.96 8.67 -16.04
CA LEU A 264 5.33 8.76 -15.53
C LEU A 264 6.20 7.63 -16.07
N ILE A 265 5.64 6.42 -16.17
CA ILE A 265 6.40 5.27 -16.65
C ILE A 265 7.05 5.56 -17.99
N ASP A 266 6.38 6.33 -18.84
CA ASP A 266 6.89 6.59 -20.18
C ASP A 266 7.93 7.70 -20.22
N LYS A 267 8.23 8.32 -19.08
CA LYS A 267 9.12 9.46 -19.04
C LYS A 267 10.44 9.18 -18.33
N ILE A 268 10.72 7.92 -17.99
CA ILE A 268 11.85 7.61 -17.14
C ILE A 268 12.85 6.69 -17.84
N GLY A 269 14.10 6.80 -17.42
CA GLY A 269 15.11 5.81 -17.72
C GLY A 269 15.83 5.41 -16.44
N VAL A 270 16.77 4.49 -16.60
CA VAL A 270 17.57 4.02 -15.47
C VAL A 270 19.01 3.86 -15.93
N THR A 271 19.94 4.20 -15.06
CA THR A 271 21.36 4.03 -15.32
C THR A 271 22.01 3.53 -14.04
N MET A 272 23.27 3.13 -14.17
CA MET A 272 23.98 2.59 -13.02
C MET A 272 24.34 3.70 -12.03
N VAL A 273 24.62 3.29 -10.80
CA VAL A 273 24.96 4.25 -9.75
C VAL A 273 26.25 4.96 -10.13
N PRO A 274 26.43 6.21 -9.74
CA PRO A 274 27.67 6.91 -10.09
C PRO A 274 28.90 6.27 -9.46
N GLU A 275 30.02 6.38 -10.17
CA GLU A 275 31.27 5.78 -9.78
C GLU A 275 32.03 6.68 -8.81
N GLY A 276 32.52 6.09 -7.73
CA GLY A 276 33.28 6.82 -6.73
C GLY A 276 34.77 6.56 -6.86
N PRO A 277 35.55 7.07 -5.90
CA PRO A 277 37.02 6.94 -6.00
C PRO A 277 37.51 5.52 -5.90
N ALA A 278 36.70 4.59 -5.40
CA ALA A 278 37.07 3.18 -5.37
C ALA A 278 36.63 2.43 -6.62
N GLY A 279 36.03 3.13 -7.59
CA GLY A 279 35.36 2.49 -8.68
C GLY A 279 33.89 2.31 -8.34
N ARG A 280 33.16 1.68 -9.26
CA ARG A 280 31.73 1.54 -9.09
C ARG A 280 31.40 0.37 -8.18
N TYR A 281 30.50 0.62 -7.23
CA TYR A 281 29.96 -0.40 -6.33
C TYR A 281 28.46 -0.19 -6.23
N ALA A 282 27.74 -1.29 -6.00
CA ALA A 282 26.29 -1.26 -5.90
C ALA A 282 25.85 -2.20 -4.78
N PHE A 283 24.68 -1.91 -4.23
CA PHE A 283 24.07 -2.79 -3.24
C PHE A 283 23.63 -4.10 -3.91
N MET A 284 23.96 -5.22 -3.28
CA MET A 284 23.45 -6.51 -3.70
C MET A 284 22.61 -7.07 -2.56
N GLY A 285 21.32 -7.23 -2.83
CA GLY A 285 20.38 -7.84 -1.92
C GLY A 285 19.53 -8.86 -2.64
N GLY A 286 18.33 -9.05 -2.12
CA GLY A 286 17.42 -10.07 -2.58
C GLY A 286 16.95 -10.90 -1.41
N SER A 287 16.33 -12.04 -1.75
CA SER A 287 15.80 -12.94 -0.73
C SER A 287 16.15 -14.38 -1.07
N ASN A 288 16.25 -15.18 -0.02
CA ASN A 288 16.41 -16.62 -0.11
C ASN A 288 15.14 -17.29 0.40
N LEU A 289 15.05 -18.58 0.14
CA LEU A 289 14.00 -19.42 0.70
C LEU A 289 14.62 -20.40 1.68
N VAL A 290 13.93 -20.63 2.79
CA VAL A 290 14.39 -21.60 3.79
C VAL A 290 13.23 -22.50 4.17
N ILE A 291 13.57 -23.70 4.62
CA ILE A 291 12.61 -24.67 5.14
C ILE A 291 12.78 -24.71 6.65
N PHE A 292 11.70 -24.45 7.37
CA PHE A 292 11.74 -24.55 8.83
C PHE A 292 12.01 -26.00 9.23
N ASN A 293 12.86 -26.17 10.25
CA ASN A 293 13.13 -27.51 10.78
C ASN A 293 11.88 -28.17 11.34
N SER A 294 10.85 -27.38 11.65
CA SER A 294 9.59 -27.91 12.16
C SER A 294 8.68 -28.45 11.07
N SER A 295 9.05 -28.30 9.80
CA SER A 295 8.19 -28.77 8.73
C SER A 295 7.94 -30.27 8.85
N LYS A 296 6.68 -30.66 8.71
CA LYS A 296 6.30 -32.06 8.71
C LYS A 296 6.31 -32.66 7.32
N ASN A 297 6.57 -31.86 6.28
CA ASN A 297 6.67 -32.32 4.90
C ASN A 297 7.90 -31.67 4.26
N LYS A 298 9.07 -32.06 4.76
CA LYS A 298 10.32 -31.51 4.23
C LYS A 298 10.60 -32.03 2.82
N ASP A 299 10.16 -33.25 2.51
CA ASP A 299 10.31 -33.76 1.15
C ASP A 299 9.57 -32.88 0.16
N GLU A 300 8.31 -32.54 0.47
CA GLU A 300 7.53 -31.68 -0.41
C GLU A 300 8.06 -30.25 -0.40
N ALA A 301 8.39 -29.74 0.78
CA ALA A 301 8.95 -28.40 0.87
C ALA A 301 10.23 -28.29 0.05
N LEU A 302 11.10 -29.29 0.14
CA LEU A 302 12.31 -29.28 -0.69
C LEU A 302 11.96 -29.37 -2.16
N GLU A 303 10.91 -30.12 -2.50
CA GLU A 303 10.46 -30.19 -3.89
C GLU A 303 10.01 -28.83 -4.39
N LEU A 304 9.36 -28.04 -3.53
CA LEU A 304 8.87 -26.73 -3.96
C LEU A 304 10.01 -25.74 -4.15
N LEU A 305 11.04 -25.81 -3.30
CA LEU A 305 12.21 -24.95 -3.48
C LEU A 305 12.87 -25.23 -4.83
N LYS A 306 13.00 -26.50 -5.20
CA LYS A 306 13.63 -26.82 -6.48
C LYS A 306 12.82 -26.25 -7.64
N PHE A 307 11.49 -26.25 -7.53
CA PHE A 307 10.68 -25.66 -8.59
C PHE A 307 10.92 -24.17 -8.72
N PHE A 308 10.98 -23.46 -7.58
CA PHE A 308 11.27 -22.04 -7.63
C PHE A 308 12.62 -21.75 -8.28
N ALA A 309 13.53 -22.72 -8.28
CA ALA A 309 14.83 -22.58 -8.91
C ALA A 309 14.85 -23.02 -10.37
N SER A 310 13.73 -23.50 -10.91
CA SER A 310 13.68 -23.91 -12.30
C SER A 310 13.73 -22.69 -13.22
N LYS A 311 14.25 -22.89 -14.43
CA LYS A 311 14.41 -21.79 -15.36
C LYS A 311 13.11 -21.05 -15.58
N GLU A 312 12.01 -21.79 -15.74
CA GLU A 312 10.73 -21.18 -16.10
C GLU A 312 10.12 -20.43 -14.92
N ALA A 313 10.21 -21.00 -13.72
CA ALA A 313 9.71 -20.31 -12.53
C ALA A 313 10.51 -19.05 -12.24
N GLN A 314 11.82 -19.08 -12.51
CA GLN A 314 12.65 -17.90 -12.32
C GLN A 314 12.29 -16.80 -13.31
N VAL A 315 12.06 -17.17 -14.57
CA VAL A 315 11.66 -16.17 -15.56
C VAL A 315 10.31 -15.58 -15.20
N GLU A 316 9.35 -16.43 -14.79
CA GLU A 316 8.00 -15.97 -14.52
C GLU A 316 7.94 -15.13 -13.25
N TYR A 317 8.68 -15.53 -12.21
CA TYR A 317 8.73 -14.69 -11.01
C TYR A 317 9.36 -13.34 -11.32
N SER A 318 10.41 -13.34 -12.13
CA SER A 318 11.04 -12.07 -12.50
C SER A 318 10.06 -11.18 -13.26
N LYS A 319 9.27 -11.78 -14.17
CA LYS A 319 8.33 -10.98 -14.94
C LYS A 319 7.30 -10.29 -14.05
N VAL A 320 6.80 -10.99 -13.04
CA VAL A 320 5.71 -10.42 -12.26
C VAL A 320 6.23 -9.43 -11.23
N SER A 321 7.40 -9.74 -10.64
CA SER A 321 7.93 -8.96 -9.53
C SER A 321 8.96 -7.92 -9.95
N LYS A 322 9.58 -8.08 -11.12
CA LYS A 322 10.72 -7.30 -11.59
C LYS A 322 12.00 -7.60 -10.84
N MET A 323 12.02 -8.59 -9.95
CA MET A 323 13.27 -8.99 -9.33
C MET A 323 14.13 -9.74 -10.33
N LEU A 324 15.43 -9.81 -10.04
CA LEU A 324 16.36 -10.50 -10.91
C LEU A 324 16.44 -11.98 -10.55
N PRO A 325 16.45 -12.88 -11.53
CA PRO A 325 16.65 -14.30 -11.21
C PRO A 325 18.03 -14.55 -10.62
N VAL A 326 18.12 -15.64 -9.85
CA VAL A 326 19.39 -16.12 -9.34
C VAL A 326 19.92 -17.31 -10.15
N VAL A 327 19.24 -17.69 -11.23
CA VAL A 327 19.60 -18.85 -12.03
C VAL A 327 20.07 -18.36 -13.38
N LYS A 328 21.29 -18.74 -13.76
CA LYS A 328 21.93 -18.15 -14.93
C LYS A 328 21.09 -18.31 -16.18
N ALA A 329 20.48 -19.49 -16.37
CA ALA A 329 19.79 -19.80 -17.61
C ALA A 329 18.57 -18.93 -17.84
N ALA A 330 17.96 -18.38 -16.80
CA ALA A 330 16.79 -17.54 -16.99
C ALA A 330 17.11 -16.35 -17.88
N TYR A 331 18.35 -15.87 -17.87
CA TYR A 331 18.74 -14.66 -18.57
C TYR A 331 18.88 -14.85 -20.07
N GLU A 332 18.72 -16.07 -20.57
CA GLU A 332 18.61 -16.28 -22.01
C GLU A 332 17.22 -15.97 -22.54
N ASP A 333 16.26 -15.70 -21.66
CA ASP A 333 14.90 -15.44 -22.10
C ASP A 333 14.82 -14.09 -22.81
N PRO A 334 14.02 -13.97 -23.86
CA PRO A 334 13.92 -12.67 -24.56
C PRO A 334 13.55 -11.52 -23.64
N TYR A 335 12.83 -11.81 -22.55
CA TYR A 335 12.37 -10.76 -21.65
C TYR A 335 13.53 -9.90 -21.16
N PHE A 336 14.70 -10.48 -20.97
CA PHE A 336 15.81 -9.74 -20.38
C PHE A 336 16.56 -8.89 -21.40
N GLU A 337 16.06 -8.81 -22.63
CA GLU A 337 16.46 -7.73 -23.51
C GLU A 337 15.90 -6.38 -23.10
N ASP A 338 15.02 -6.36 -22.10
CA ASP A 338 14.39 -5.11 -21.68
C ASP A 338 15.46 -4.10 -21.28
N SER A 339 15.34 -2.88 -21.82
CA SER A 339 16.39 -1.89 -21.63
C SER A 339 16.60 -1.57 -20.15
N LEU A 340 15.53 -1.49 -19.37
CA LEU A 340 15.65 -1.12 -17.96
C LEU A 340 16.19 -2.28 -17.12
N MET A 341 15.63 -3.48 -17.29
CA MET A 341 16.08 -4.60 -16.50
C MET A 341 17.55 -4.91 -16.77
N LYS A 342 18.01 -4.72 -18.01
CA LYS A 342 19.41 -4.97 -18.34
C LYS A 342 20.35 -4.18 -17.42
N VAL A 343 19.96 -2.96 -17.07
CA VAL A 343 20.81 -2.11 -16.22
C VAL A 343 21.00 -2.77 -14.85
N PHE A 344 19.90 -3.24 -14.26
CA PHE A 344 20.00 -3.86 -12.94
C PHE A 344 20.88 -5.09 -12.97
N LYS A 345 20.74 -5.90 -14.03
CA LYS A 345 21.54 -7.12 -14.15
C LYS A 345 23.01 -6.78 -14.34
N GLU A 346 23.33 -5.86 -15.25
CA GLU A 346 24.73 -5.51 -15.47
C GLU A 346 25.34 -4.95 -14.20
N GLN A 347 24.60 -4.09 -13.49
CA GLN A 347 25.16 -3.45 -12.31
C GLN A 347 25.45 -4.48 -11.22
N VAL A 348 24.51 -5.40 -10.96
CA VAL A 348 24.73 -6.32 -9.85
C VAL A 348 25.84 -7.31 -10.19
N ASP A 349 25.89 -7.74 -11.45
CA ASP A 349 26.91 -8.72 -11.85
C ASP A 349 28.31 -8.13 -11.78
N LYS A 350 28.47 -6.89 -12.26
CA LYS A 350 29.80 -6.28 -12.36
C LYS A 350 30.26 -5.59 -11.09
N TYR A 351 29.31 -5.02 -10.33
CA TYR A 351 29.66 -4.14 -9.22
C TYR A 351 28.91 -4.44 -7.93
N GLY A 352 28.07 -5.47 -7.90
CA GLY A 352 27.28 -5.73 -6.71
C GLY A 352 28.15 -6.23 -5.57
N LYS A 353 27.86 -5.75 -4.36
CA LYS A 353 28.52 -6.18 -3.14
C LYS A 353 27.47 -6.45 -2.07
N HIS A 354 27.55 -7.63 -1.44
CA HIS A 354 26.63 -8.05 -0.39
C HIS A 354 27.35 -7.97 0.95
N TYR A 355 26.59 -7.71 2.00
CA TYR A 355 27.15 -7.68 3.33
C TYR A 355 27.73 -9.04 3.70
N ALA A 356 28.61 -9.04 4.70
CA ALA A 356 29.11 -10.29 5.27
C ALA A 356 27.95 -11.10 5.83
N SER A 357 27.92 -12.39 5.50
CA SER A 357 26.80 -13.25 5.87
C SER A 357 27.05 -13.85 7.25
N VAL A 358 26.99 -12.97 8.26
CA VAL A 358 27.32 -13.38 9.62
C VAL A 358 26.07 -13.39 10.49
N PRO A 359 26.04 -14.21 11.55
CA PRO A 359 24.79 -14.36 12.32
C PRO A 359 24.30 -13.09 12.96
N GLY A 360 25.20 -12.22 13.37
CA GLY A 360 24.82 -10.99 14.01
C GLY A 360 24.38 -9.90 13.08
N TRP A 361 24.39 -10.13 11.77
CA TRP A 361 24.15 -9.04 10.84
C TRP A 361 22.70 -8.54 10.92
N ALA A 362 21.74 -9.46 11.09
CA ALA A 362 20.35 -9.03 11.17
C ALA A 362 20.13 -8.09 12.33
N SER A 363 20.64 -8.43 13.52
CA SER A 363 20.54 -7.54 14.66
C SER A 363 21.28 -6.24 14.40
N ALA A 364 22.39 -6.31 13.68
CA ALA A 364 23.13 -5.10 13.33
C ALA A 364 22.25 -4.16 12.51
N GLU A 365 21.45 -4.70 11.60
CA GLU A 365 20.63 -3.83 10.75
C GLU A 365 19.62 -3.04 11.59
N VAL A 366 19.14 -3.62 12.69
CA VAL A 366 18.25 -2.86 13.57
C VAL A 366 18.96 -1.63 14.11
N ILE A 367 20.24 -1.78 14.48
CA ILE A 367 21.00 -0.66 15.01
C ILE A 367 21.34 0.32 13.89
N PHE A 368 21.67 -0.19 12.71
CA PHE A 368 21.90 0.68 11.56
C PHE A 368 20.66 1.52 11.23
N SER A 369 19.49 0.87 11.22
CA SER A 369 18.28 1.56 10.80
C SER A 369 17.96 2.72 11.73
N GLU A 370 18.11 2.53 13.03
CA GLU A 370 17.88 3.60 13.98
C GLU A 370 19.06 4.57 14.00
N GLY A 371 20.28 4.03 14.06
CA GLY A 371 21.45 4.88 14.20
C GLY A 371 21.67 5.79 13.01
N LEU A 372 21.69 5.22 11.81
CA LEU A 372 21.99 6.03 10.64
C LEU A 372 20.87 7.00 10.31
N SER A 373 19.63 6.70 10.68
CA SER A 373 18.56 7.67 10.46
C SER A 373 18.78 8.94 11.27
N LYS A 374 19.55 8.86 12.36
CA LYS A 374 19.90 10.07 13.11
C LYS A 374 20.74 11.02 12.27
N ILE A 375 21.49 10.50 11.30
CA ILE A 375 22.22 11.37 10.38
C ILE A 375 21.25 12.25 9.60
N TRP A 376 20.15 11.67 9.14
CA TRP A 376 19.16 12.48 8.44
C TRP A 376 18.48 13.46 9.39
N ASP A 377 18.27 13.08 10.65
CA ASP A 377 17.74 14.03 11.62
C ASP A 377 18.68 15.22 11.78
N ASN A 378 19.99 14.96 11.76
CA ASN A 378 20.99 16.02 11.79
C ASN A 378 20.86 16.92 10.57
N VAL A 379 20.81 16.32 9.38
CA VAL A 379 20.66 17.08 8.15
C VAL A 379 19.37 17.90 8.17
N MET A 380 18.28 17.32 8.70
CA MET A 380 16.99 18.00 8.73
C MET A 380 16.90 19.04 9.84
N GLU A 381 17.91 19.13 10.69
CA GLU A 381 18.02 20.20 11.69
C GLU A 381 16.81 20.22 12.62
N VAL A 382 16.35 19.03 13.02
CA VAL A 382 15.24 18.95 13.98
C VAL A 382 15.70 19.18 15.41
N ASP A 383 17.02 19.14 15.68
CA ASP A 383 17.56 19.41 17.00
C ASP A 383 18.89 20.15 16.82
N GLY A 384 18.81 21.42 16.43
CA GLY A 384 19.99 22.22 16.18
C GLY A 384 20.40 22.22 14.73
N ALA A 385 21.28 23.15 14.40
CA ALA A 385 21.77 23.26 13.02
C ALA A 385 22.57 22.02 12.66
N TYR A 386 22.63 21.73 11.36
CA TYR A 386 23.42 20.62 10.89
C TYR A 386 24.90 20.86 11.14
N SER A 387 25.61 19.81 11.53
CA SER A 387 27.07 19.83 11.55
C SER A 387 27.57 18.45 11.18
N TYR A 388 28.58 18.40 10.32
CA TYR A 388 29.24 17.15 10.02
C TYR A 388 29.80 16.51 11.28
N ASP A 389 30.30 17.33 12.20
CA ASP A 389 30.90 16.77 13.42
C ASP A 389 29.90 15.93 14.21
N LYS A 390 28.61 16.29 14.17
CA LYS A 390 27.62 15.47 14.86
C LYS A 390 27.42 14.14 14.13
N THR A 391 27.49 14.15 12.79
CA THR A 391 27.41 12.90 12.06
C THR A 391 28.54 11.95 12.46
N VAL A 392 29.74 12.49 12.64
CA VAL A 392 30.86 11.64 13.03
C VAL A 392 30.58 10.97 14.36
N GLN A 393 30.00 11.70 15.31
CA GLN A 393 29.72 11.13 16.62
C GLN A 393 28.62 10.07 16.52
N ILE A 394 27.60 10.33 15.70
CA ILE A 394 26.55 9.34 15.49
C ILE A 394 27.14 8.03 14.98
N VAL A 395 28.02 8.13 13.98
CA VAL A 395 28.60 6.94 13.38
C VAL A 395 29.46 6.18 14.39
N LYS A 396 30.23 6.90 15.20
CA LYS A 396 31.08 6.24 16.18
C LYS A 396 30.24 5.53 17.24
N ASP A 397 29.12 6.13 17.65
CA ASP A 397 28.26 5.48 18.63
C ASP A 397 27.65 4.20 18.06
N VAL A 398 27.25 4.23 16.78
CA VAL A 398 26.69 3.03 16.15
C VAL A 398 27.73 1.92 16.12
N GLU A 399 28.98 2.27 15.80
CA GLU A 399 30.04 1.28 15.69
C GLU A 399 30.24 0.50 16.99
N SER A 400 30.18 1.20 18.13
CA SER A 400 30.39 0.52 19.40
C SER A 400 29.34 -0.57 19.63
N GLN A 401 28.08 -0.27 19.33
CA GLN A 401 27.04 -1.27 19.56
C GLN A 401 27.17 -2.43 18.57
N ILE A 402 27.51 -2.12 17.32
CA ILE A 402 27.70 -3.18 16.34
C ILE A 402 28.79 -4.14 16.80
N ASN A 403 29.89 -3.59 17.33
CA ASN A 403 30.99 -4.43 17.78
C ASN A 403 30.54 -5.35 18.92
N GLN A 404 29.74 -4.84 19.85
CA GLN A 404 29.26 -5.70 20.93
C GLN A 404 28.41 -6.83 20.37
N ILE A 405 27.55 -6.51 19.39
CA ILE A 405 26.70 -7.53 18.76
C ILE A 405 27.57 -8.58 18.07
N LEU A 406 28.56 -8.14 17.31
CA LEU A 406 29.40 -9.10 16.59
C LEU A 406 30.20 -9.99 17.54
N GLN A 407 30.49 -9.50 18.74
CA GLN A 407 31.26 -10.30 19.70
C GLN A 407 30.45 -11.42 20.33
N GLU A 408 29.12 -11.42 20.16
CA GLU A 408 28.31 -12.51 20.71
C GLU A 408 28.53 -13.82 19.95
N THR A 409 29.08 -13.76 18.74
CA THR A 409 29.38 -14.95 17.96
C THR A 409 30.77 -15.47 18.31
N SER B 1 -16.78 -32.77 -3.77
CA SER B 1 -15.96 -31.69 -3.26
C SER B 1 -16.16 -30.42 -4.09
N VAL B 2 -16.11 -29.26 -3.44
CA VAL B 2 -16.38 -27.97 -4.10
C VAL B 2 -15.29 -26.99 -3.69
N LYS B 3 -14.72 -26.29 -4.68
CA LYS B 3 -13.80 -25.19 -4.44
C LYS B 3 -14.53 -23.90 -4.80
N LEU B 4 -14.91 -23.13 -3.78
CA LEU B 4 -15.55 -21.85 -3.98
C LEU B 4 -14.48 -20.77 -4.15
N THR B 5 -14.58 -19.99 -5.21
CA THR B 5 -13.74 -18.82 -5.40
C THR B 5 -14.59 -17.57 -5.17
N MET B 6 -13.99 -16.55 -4.57
CA MET B 6 -14.71 -15.30 -4.38
C MET B 6 -13.74 -14.15 -4.46
N TRP B 7 -14.17 -13.09 -5.13
CA TRP B 7 -13.40 -11.85 -5.21
C TRP B 7 -13.75 -10.96 -4.02
N ILE B 8 -12.74 -10.29 -3.47
CA ILE B 8 -12.91 -9.30 -2.37
C ILE B 8 -12.12 -8.06 -2.81
N MET B 9 -12.57 -6.90 -2.38
CA MET B 9 -11.90 -5.61 -2.65
C MET B 9 -11.11 -5.29 -1.39
N PRO B 10 -9.94 -4.63 -1.47
CA PRO B 10 -9.18 -4.48 -0.27
C PRO B 10 -9.56 -3.27 0.58
N ASN B 11 -9.79 -3.46 1.87
CA ASN B 11 -9.90 -2.39 2.86
C ASN B 11 -9.04 -2.74 4.08
N SER B 12 -7.95 -3.47 3.83
CA SER B 12 -7.10 -4.02 4.86
C SER B 12 -5.74 -4.30 4.22
N ASP B 13 -4.71 -4.36 5.06
CA ASP B 13 -3.39 -4.72 4.56
C ASP B 13 -3.29 -6.20 4.23
N THR B 14 -4.21 -7.03 4.74
CA THR B 14 -4.21 -8.47 4.50
C THR B 14 -5.62 -8.94 4.19
N PRO B 15 -6.14 -8.62 3.02
CA PRO B 15 -7.54 -8.99 2.72
C PRO B 15 -7.76 -10.50 2.74
N ASP B 16 -6.99 -11.26 1.95
CA ASP B 16 -7.19 -12.70 1.90
C ASP B 16 -7.09 -13.32 3.28
N GLN B 17 -6.01 -13.01 4.00
CA GLN B 17 -5.81 -13.53 5.35
C GLN B 17 -7.00 -13.24 6.24
N ASP B 18 -7.47 -11.98 6.23
CA ASP B 18 -8.62 -11.61 7.04
C ASP B 18 -9.84 -12.46 6.71
N LEU B 19 -10.13 -12.60 5.41
CA LEU B 19 -11.34 -13.31 5.01
C LEU B 19 -11.27 -14.78 5.41
N LEU B 20 -10.14 -15.44 5.14
CA LEU B 20 -10.02 -16.84 5.53
C LEU B 20 -10.21 -17.00 7.03
N LYS B 21 -9.74 -16.03 7.82
CA LYS B 21 -9.98 -16.05 9.25
C LYS B 21 -11.47 -16.13 9.56
N VAL B 22 -12.28 -15.37 8.81
CA VAL B 22 -13.71 -15.30 9.08
C VAL B 22 -14.42 -16.57 8.62
N VAL B 23 -13.96 -17.18 7.53
CA VAL B 23 -14.67 -18.35 7.00
C VAL B 23 -14.16 -19.68 7.55
N LYS B 24 -13.09 -19.67 8.34
CA LYS B 24 -12.58 -20.92 8.89
C LYS B 24 -13.64 -21.73 9.62
N PRO B 25 -14.51 -21.12 10.43
CA PRO B 25 -15.61 -21.92 11.04
C PRO B 25 -16.49 -22.59 10.00
N PHE B 26 -16.70 -21.95 8.85
CA PHE B 26 -17.55 -22.53 7.81
C PHE B 26 -16.89 -23.75 7.17
N THR B 27 -15.66 -23.59 6.70
CA THR B 27 -14.95 -24.72 6.09
C THR B 27 -14.71 -25.83 7.10
N ASP B 28 -14.49 -25.49 8.37
CA ASP B 28 -14.35 -26.51 9.40
C ASP B 28 -15.64 -27.31 9.55
N ALA B 29 -16.79 -26.67 9.38
CA ALA B 29 -18.07 -27.36 9.52
C ALA B 29 -18.48 -28.09 8.25
N ASN B 30 -18.02 -27.62 7.08
CA ASN B 30 -18.38 -28.19 5.78
C ASN B 30 -17.10 -28.66 5.12
N PRO B 31 -16.56 -29.81 5.54
CA PRO B 31 -15.22 -30.20 5.08
C PRO B 31 -15.10 -30.39 3.57
N HIS B 32 -16.20 -30.62 2.86
CA HIS B 32 -16.13 -30.78 1.41
C HIS B 32 -16.08 -29.46 0.67
N ILE B 33 -16.06 -28.34 1.38
CA ILE B 33 -16.04 -27.01 0.79
C ILE B 33 -14.74 -26.33 1.18
N THR B 34 -14.07 -25.73 0.20
CA THR B 34 -12.94 -24.84 0.45
C THR B 34 -13.25 -23.49 -0.18
N VAL B 35 -12.64 -22.43 0.36
CA VAL B 35 -12.92 -21.06 -0.05
C VAL B 35 -11.60 -20.39 -0.42
N GLU B 36 -11.50 -19.92 -1.66
CA GLU B 36 -10.27 -19.30 -2.16
C GLU B 36 -10.54 -17.86 -2.56
N PRO B 37 -10.12 -16.88 -1.76
CA PRO B 37 -10.34 -15.47 -2.13
C PRO B 37 -9.25 -14.93 -3.04
N THR B 38 -9.65 -13.99 -3.88
CA THR B 38 -8.74 -13.22 -4.72
C THR B 38 -9.06 -11.75 -4.59
N VAL B 39 -8.04 -10.93 -4.38
CA VAL B 39 -8.24 -9.50 -4.21
C VAL B 39 -8.33 -8.83 -5.59
N VAL B 40 -9.35 -8.01 -5.75
CA VAL B 40 -9.51 -7.13 -6.91
C VAL B 40 -9.53 -5.71 -6.37
N ASP B 41 -8.61 -4.87 -6.84
CA ASP B 41 -8.52 -3.53 -6.25
C ASP B 41 -9.70 -2.68 -6.71
N TRP B 42 -9.99 -1.65 -5.91
CA TRP B 42 -11.22 -0.88 -6.12
C TRP B 42 -11.22 -0.19 -7.47
N SER B 43 -10.06 0.25 -7.94
CA SER B 43 -9.97 1.01 -9.19
C SER B 43 -10.51 0.20 -10.37
N ALA B 44 -10.17 -1.08 -10.43
CA ALA B 44 -10.58 -1.93 -11.54
C ALA B 44 -11.75 -2.84 -11.21
N ALA B 45 -12.35 -2.71 -10.03
CA ALA B 45 -13.37 -3.67 -9.61
C ALA B 45 -14.61 -3.59 -10.49
N LEU B 46 -15.04 -2.38 -10.87
CA LEU B 46 -16.23 -2.26 -11.69
C LEU B 46 -16.00 -2.90 -13.05
N THR B 47 -14.85 -2.62 -13.67
CA THR B 47 -14.55 -3.23 -14.96
C THR B 47 -14.42 -4.73 -14.84
N LYS B 48 -13.73 -5.22 -13.79
CA LYS B 48 -13.50 -6.65 -13.66
C LYS B 48 -14.78 -7.39 -13.32
N ILE B 49 -15.61 -6.82 -12.44
CA ILE B 49 -16.90 -7.46 -12.13
C ILE B 49 -17.82 -7.42 -13.34
N THR B 50 -17.80 -6.31 -14.08
CA THR B 50 -18.64 -6.20 -15.28
C THR B 50 -18.22 -7.22 -16.33
N ALA B 51 -16.91 -7.45 -16.49
CA ALA B 51 -16.45 -8.44 -17.45
C ALA B 51 -16.74 -9.86 -16.97
N ALA B 52 -16.67 -10.10 -15.66
CA ALA B 52 -16.99 -11.42 -15.14
C ALA B 52 -18.47 -11.75 -15.29
N ALA B 53 -19.33 -10.72 -15.17
CA ALA B 53 -20.77 -10.95 -15.27
C ALA B 53 -21.19 -11.28 -16.70
N THR B 54 -20.43 -10.83 -17.68
CA THR B 54 -20.80 -10.96 -19.08
C THR B 54 -20.04 -12.06 -19.81
N SER B 55 -18.80 -12.33 -19.43
CA SER B 55 -17.94 -13.20 -20.20
C SER B 55 -18.02 -14.67 -19.80
N GLY B 56 -18.70 -15.00 -18.71
CA GLY B 56 -18.76 -16.37 -18.25
C GLY B 56 -17.50 -16.90 -17.62
N GLU B 57 -16.40 -16.14 -17.66
CA GLU B 57 -15.21 -16.44 -16.87
C GLU B 57 -15.29 -15.58 -15.60
N ALA B 58 -15.59 -16.21 -14.48
CA ALA B 58 -15.95 -15.48 -13.27
C ALA B 58 -15.74 -16.40 -12.07
N PRO B 59 -15.60 -15.83 -10.88
CA PRO B 59 -15.60 -16.62 -9.65
C PRO B 59 -17.04 -17.05 -9.36
N ASP B 60 -17.20 -17.84 -8.30
CA ASP B 60 -18.54 -18.18 -7.83
C ASP B 60 -19.23 -16.97 -7.22
N ILE B 61 -18.47 -16.17 -6.47
CA ILE B 61 -19.00 -15.08 -5.66
C ILE B 61 -18.10 -13.87 -5.86
N THR B 62 -18.69 -12.68 -5.73
CA THR B 62 -17.84 -11.50 -5.60
C THR B 62 -18.51 -10.49 -4.68
N GLN B 63 -17.67 -9.84 -3.89
CA GLN B 63 -18.02 -8.58 -3.27
C GLN B 63 -18.34 -7.55 -4.34
N VAL B 64 -19.34 -6.72 -4.08
CA VAL B 64 -19.65 -5.62 -4.98
C VAL B 64 -19.99 -4.40 -4.14
N GLY B 65 -19.40 -3.26 -4.50
CA GLY B 65 -19.79 -2.01 -3.89
C GLY B 65 -21.29 -1.86 -3.87
N SER B 66 -21.85 -1.49 -2.72
CA SER B 66 -23.30 -1.40 -2.59
C SER B 66 -23.90 -0.55 -3.70
N THR B 67 -23.21 0.52 -4.09
CA THR B 67 -23.75 1.46 -5.06
C THR B 67 -23.74 0.94 -6.48
N TRP B 68 -23.03 -0.17 -6.73
CA TRP B 68 -22.97 -0.77 -8.05
C TRP B 68 -23.89 -1.96 -8.21
N THR B 69 -24.54 -2.42 -7.14
CA THR B 69 -25.25 -3.69 -7.18
C THR B 69 -26.34 -3.67 -8.26
N ALA B 70 -27.08 -2.56 -8.35
CA ALA B 70 -28.16 -2.49 -9.33
C ALA B 70 -27.60 -2.54 -10.75
N ALA B 71 -26.44 -1.91 -10.98
CA ALA B 71 -25.82 -1.94 -12.30
C ALA B 71 -25.48 -3.36 -12.71
N ILE B 72 -24.93 -4.16 -11.78
CA ILE B 72 -24.56 -5.53 -12.11
C ILE B 72 -25.81 -6.39 -12.21
N GLY B 73 -26.73 -6.26 -11.26
CA GLY B 73 -27.95 -7.04 -11.31
C GLY B 73 -28.76 -6.80 -12.57
N ALA B 74 -28.67 -5.60 -13.14
CA ALA B 74 -29.41 -5.28 -14.35
C ALA B 74 -28.80 -5.91 -15.59
N MET B 75 -27.59 -6.45 -15.51
CA MET B 75 -27.00 -7.19 -16.62
C MET B 75 -27.69 -8.54 -16.70
N GLU B 76 -28.45 -8.75 -17.78
CA GLU B 76 -29.33 -9.91 -17.87
C GLU B 76 -28.53 -11.21 -17.80
N GLY B 77 -28.95 -12.10 -16.91
CA GLY B 77 -28.32 -13.40 -16.75
C GLY B 77 -27.03 -13.41 -15.96
N ALA B 78 -26.60 -12.25 -15.43
CA ALA B 78 -25.30 -12.19 -14.79
C ALA B 78 -25.31 -12.83 -13.41
N LEU B 79 -26.32 -12.51 -12.60
CA LEU B 79 -26.32 -12.86 -11.19
C LEU B 79 -27.53 -13.71 -10.83
N VAL B 80 -27.37 -14.51 -9.78
CA VAL B 80 -28.46 -15.29 -9.22
C VAL B 80 -29.35 -14.34 -8.42
N GLU B 81 -30.64 -14.31 -8.76
CA GLU B 81 -31.58 -13.51 -8.00
C GLU B 81 -31.84 -14.18 -6.66
N LEU B 82 -31.72 -13.41 -5.57
CA LEU B 82 -31.72 -13.96 -4.22
C LEU B 82 -33.06 -13.82 -3.51
N THR B 83 -34.05 -13.20 -4.14
CA THR B 83 -35.38 -13.09 -3.54
C THR B 83 -35.89 -14.48 -3.15
N GLY B 84 -36.33 -14.61 -1.90
CA GLY B 84 -36.78 -15.88 -1.38
C GLY B 84 -35.68 -16.86 -1.05
N LYS B 85 -34.43 -16.54 -1.38
CA LYS B 85 -33.30 -17.41 -1.04
C LYS B 85 -32.55 -16.93 0.19
N ILE B 86 -32.69 -15.66 0.55
CA ILE B 86 -32.05 -15.10 1.74
C ILE B 86 -33.13 -14.43 2.58
N ASP B 87 -33.12 -14.72 3.88
CA ASP B 87 -34.12 -14.17 4.80
C ASP B 87 -33.76 -12.72 5.08
N THR B 88 -34.51 -11.79 4.49
CA THR B 88 -34.21 -10.36 4.64
C THR B 88 -34.55 -9.83 6.02
N SER B 89 -35.40 -10.52 6.78
CA SER B 89 -35.85 -9.99 8.06
C SER B 89 -34.69 -9.79 9.04
N ALA B 90 -33.61 -10.56 8.91
CA ALA B 90 -32.51 -10.45 9.84
C ALA B 90 -31.66 -9.20 9.63
N PHE B 91 -31.89 -8.46 8.57
CA PHE B 91 -30.99 -7.38 8.17
C PHE B 91 -31.47 -6.02 8.67
N VAL B 92 -30.51 -5.13 8.89
CA VAL B 92 -30.82 -3.71 9.05
C VAL B 92 -31.55 -3.26 7.79
N GLU B 93 -32.78 -2.78 7.95
CA GLU B 93 -33.64 -2.57 6.79
C GLU B 93 -33.04 -1.57 5.81
N SER B 94 -32.34 -0.55 6.32
CA SER B 94 -31.80 0.47 5.43
C SER B 94 -30.79 -0.11 4.45
N THR B 95 -30.14 -1.21 4.81
CA THR B 95 -29.11 -1.78 3.96
C THR B 95 -29.67 -2.55 2.77
N LEU B 96 -30.96 -2.88 2.80
CA LEU B 96 -31.55 -3.68 1.73
C LEU B 96 -31.80 -2.88 0.46
N GLN B 97 -31.92 -1.56 0.55
CA GLN B 97 -32.27 -0.80 -0.65
C GLN B 97 -31.17 -0.88 -1.70
N SER B 98 -29.92 -1.03 -1.28
CA SER B 98 -28.82 -1.16 -2.25
C SER B 98 -28.71 -2.56 -2.83
N ALA B 99 -29.44 -3.53 -2.29
CA ALA B 99 -29.47 -4.90 -2.78
C ALA B 99 -30.46 -5.12 -3.90
N TYR B 100 -31.33 -4.14 -4.15
CA TYR B 100 -32.37 -4.21 -5.16
C TYR B 100 -32.06 -3.29 -6.32
N ILE B 101 -32.68 -3.58 -7.46
CA ILE B 101 -32.80 -2.59 -8.53
C ILE B 101 -34.00 -1.71 -8.18
N LYS B 102 -33.73 -0.46 -7.82
CA LYS B 102 -34.80 0.46 -7.42
C LYS B 102 -35.92 0.47 -8.45
N GLY B 103 -37.15 0.61 -7.97
CA GLY B 103 -38.32 0.50 -8.81
C GLY B 103 -38.79 -0.91 -9.04
N THR B 104 -37.98 -1.90 -8.71
CA THR B 104 -38.31 -3.30 -8.86
C THR B 104 -38.23 -3.99 -7.50
N ASP B 105 -38.67 -5.25 -7.47
CA ASP B 105 -38.51 -6.09 -6.30
C ASP B 105 -37.56 -7.25 -6.58
N LYS B 106 -36.58 -7.02 -7.45
CA LYS B 106 -35.56 -8.00 -7.76
C LYS B 106 -34.32 -7.70 -6.92
N MET B 107 -33.93 -8.66 -6.08
CA MET B 107 -32.79 -8.52 -5.19
C MET B 107 -31.67 -9.41 -5.71
N PHE B 108 -30.62 -8.78 -6.25
CA PHE B 108 -29.50 -9.52 -6.80
C PHE B 108 -28.28 -9.54 -5.89
N GLY B 109 -28.30 -8.80 -4.79
CA GLY B 109 -27.20 -8.80 -3.85
C GLY B 109 -27.69 -9.09 -2.45
N MET B 110 -26.76 -9.57 -1.62
CA MET B 110 -27.01 -9.72 -0.20
C MET B 110 -26.16 -8.69 0.52
N PRO B 111 -26.73 -7.82 1.36
CA PRO B 111 -25.88 -6.92 2.15
C PRO B 111 -24.87 -7.72 2.94
N TRP B 112 -23.64 -7.21 2.99
CA TRP B 112 -22.54 -7.85 3.70
C TRP B 112 -21.98 -6.97 4.81
N PHE B 113 -21.58 -5.74 4.50
CA PHE B 113 -21.16 -4.81 5.55
C PHE B 113 -21.51 -3.39 5.11
N THR B 114 -21.52 -2.49 6.09
CA THR B 114 -21.79 -1.08 5.87
C THR B 114 -20.58 -0.25 6.28
N GLU B 115 -20.43 0.92 5.66
CA GLU B 115 -19.43 1.88 6.10
C GLU B 115 -19.96 3.29 5.92
N THR B 116 -19.42 4.19 6.75
CA THR B 116 -19.66 5.63 6.66
C THR B 116 -18.33 6.30 6.95
N ARG B 117 -18.27 7.61 6.69
CA ARG B 117 -17.05 8.37 6.94
C ARG B 117 -17.30 9.32 8.11
N ALA B 118 -16.40 9.31 9.07
CA ALA B 118 -16.53 10.17 10.24
C ALA B 118 -15.28 11.04 10.37
N LEU B 119 -15.35 11.97 11.32
CA LEU B 119 -14.30 12.97 11.51
C LEU B 119 -13.31 12.47 12.55
N PHE B 120 -12.14 12.00 12.08
CA PHE B 120 -11.04 11.69 12.95
C PHE B 120 -10.30 12.96 13.35
N TYR B 121 -9.84 13.03 14.59
CA TYR B 121 -9.08 14.18 15.04
C TYR B 121 -7.97 13.73 15.99
N ARG B 122 -6.90 14.51 15.99
CA ARG B 122 -5.81 14.32 16.93
C ARG B 122 -6.14 15.02 18.25
N LYS B 123 -6.20 14.25 19.33
CA LYS B 123 -6.51 14.82 20.64
C LYS B 123 -5.42 15.78 21.09
N ASP B 124 -4.15 15.45 20.86
CA ASP B 124 -3.07 16.33 21.29
C ASP B 124 -3.06 17.62 20.49
N ALA B 125 -3.35 17.54 19.19
CA ALA B 125 -3.41 18.75 18.38
C ALA B 125 -4.52 19.67 18.86
N CYS B 126 -5.69 19.09 19.18
CA CYS B 126 -6.81 19.90 19.65
C CYS B 126 -6.50 20.55 20.99
N GLU B 127 -5.91 19.80 21.91
CA GLU B 127 -5.55 20.39 23.20
C GLU B 127 -4.58 21.55 23.01
N LYS B 128 -3.58 21.39 22.15
CA LYS B 128 -2.60 22.44 21.94
C LYS B 128 -3.21 23.65 21.25
N ALA B 129 -4.23 23.45 20.42
CA ALA B 129 -4.84 24.53 19.66
C ALA B 129 -6.00 25.20 20.39
N GLY B 130 -6.40 24.69 21.54
CA GLY B 130 -7.56 25.22 22.22
C GLY B 130 -8.88 24.84 21.59
N VAL B 131 -8.95 23.65 21.00
CA VAL B 131 -10.15 23.11 20.37
C VAL B 131 -10.71 22.00 21.27
N ASN B 132 -11.99 22.11 21.63
CA ASN B 132 -12.66 21.03 22.35
C ASN B 132 -13.40 20.19 21.33
N PRO B 133 -12.96 18.97 21.04
CA PRO B 133 -13.62 18.20 19.96
C PRO B 133 -15.02 17.74 20.30
N GLU B 134 -15.45 17.86 21.55
CA GLU B 134 -16.81 17.49 21.92
C GLU B 134 -17.83 18.54 21.48
N THR B 135 -17.37 19.77 21.20
CA THR B 135 -18.27 20.87 20.90
C THR B 135 -17.89 21.58 19.60
N ASP B 136 -16.59 21.67 19.30
CA ASP B 136 -16.14 22.63 18.30
C ASP B 136 -16.19 22.10 16.86
N PHE B 137 -16.66 20.87 16.67
CA PHE B 137 -16.86 20.30 15.34
C PHE B 137 -18.35 20.14 15.01
N ALA B 138 -19.24 20.70 15.82
CA ALA B 138 -20.65 20.32 15.77
C ALA B 138 -21.35 20.81 14.51
N THR B 139 -20.94 21.96 13.99
CA THR B 139 -21.56 22.58 12.83
C THR B 139 -20.51 22.93 11.79
N TRP B 140 -20.96 23.19 10.57
CA TRP B 140 -20.05 23.66 9.53
C TRP B 140 -19.21 24.84 10.01
N ASP B 141 -19.88 25.85 10.59
CA ASP B 141 -19.19 27.08 10.98
C ASP B 141 -18.21 26.82 12.13
N LYS B 142 -18.62 26.05 13.14
CA LYS B 142 -17.69 25.75 14.23
C LYS B 142 -16.51 24.93 13.74
N PHE B 143 -16.78 23.96 12.87
CA PHE B 143 -15.73 23.15 12.26
C PHE B 143 -14.71 24.03 11.56
N LYS B 144 -15.18 24.96 10.74
CA LYS B 144 -14.25 25.83 10.01
C LYS B 144 -13.46 26.72 10.96
N ASP B 145 -14.09 27.18 12.04
CA ASP B 145 -13.36 27.92 13.06
C ASP B 145 -12.26 27.08 13.68
N ALA B 146 -12.58 25.81 13.99
CA ALA B 146 -11.61 24.92 14.60
C ALA B 146 -10.45 24.64 13.66
N LEU B 147 -10.74 24.45 12.36
CA LEU B 147 -9.68 24.22 11.40
C LEU B 147 -8.69 25.37 11.38
N LYS B 148 -9.18 26.61 11.47
CA LYS B 148 -8.25 27.73 11.49
C LYS B 148 -7.29 27.63 12.67
N LYS B 149 -7.81 27.29 13.85
CA LYS B 149 -6.97 27.16 15.03
C LYS B 149 -5.96 26.03 14.88
N LEU B 150 -6.34 24.97 14.18
CA LEU B 150 -5.49 23.81 13.99
C LEU B 150 -4.50 23.94 12.84
N ASN B 151 -4.65 24.97 12.01
CA ASN B 151 -3.91 25.08 10.76
C ASN B 151 -2.45 25.41 11.03
N GLY B 152 -1.56 24.49 10.68
CA GLY B 152 -0.14 24.70 10.86
C GLY B 152 0.38 24.55 12.27
N ILE B 153 -0.48 24.01 13.16
CA ILE B 153 -0.14 23.79 14.60
C ILE B 153 1.05 22.83 14.70
N GLU B 154 2.09 23.15 15.46
CA GLU B 154 3.25 22.29 15.67
C GLU B 154 2.95 21.33 16.81
N VAL B 155 3.06 20.03 16.54
CA VAL B 155 2.84 19.01 17.55
C VAL B 155 3.95 17.97 17.41
N ASP B 156 4.66 17.69 18.51
CA ASP B 156 5.74 16.72 18.50
C ASP B 156 6.79 17.07 17.45
N GLY B 157 7.02 18.37 17.25
CA GLY B 157 8.02 18.80 16.31
C GLY B 157 7.68 18.62 14.86
N LYS B 158 6.40 18.38 14.55
CA LYS B 158 5.91 18.29 13.19
C LYS B 158 4.85 19.36 12.98
N LYS B 159 4.82 19.90 11.76
CA LYS B 159 3.81 20.90 11.38
C LYS B 159 2.60 20.19 10.80
N LEU B 160 1.45 20.38 11.43
CA LEU B 160 0.23 19.70 11.01
C LEU B 160 -0.59 20.59 10.08
N ALA B 161 -1.15 19.99 9.03
CA ALA B 161 -2.24 20.62 8.30
C ALA B 161 -3.53 20.38 9.07
N ALA B 162 -4.47 21.32 8.94
CA ALA B 162 -5.69 21.25 9.73
C ALA B 162 -6.56 20.07 9.30
N LEU B 163 -6.70 19.86 8.00
CA LEU B 163 -7.57 18.84 7.42
C LEU B 163 -6.86 18.25 6.22
N GLY B 164 -6.71 16.93 6.21
CA GLY B 164 -6.14 16.23 5.09
C GLY B 164 -7.14 15.33 4.40
N MET B 165 -7.36 15.57 3.10
CA MET B 165 -8.30 14.80 2.31
C MET B 165 -7.71 14.54 0.93
N PRO B 166 -8.03 13.37 0.38
CA PRO B 166 -7.54 13.14 -0.98
C PRO B 166 -8.34 13.85 -2.03
N GLY B 167 -7.75 14.12 -3.20
CA GLY B 167 -8.45 14.72 -4.30
C GLY B 167 -8.32 14.03 -5.66
N LYS B 168 -7.57 12.96 -5.73
CA LYS B 168 -7.31 12.35 -7.03
C LYS B 168 -8.42 11.47 -7.39
N ASN B 169 -8.75 11.37 -8.67
CA ASN B 169 -9.84 10.53 -9.13
C ASN B 169 -9.95 9.03 -8.71
N ASP B 170 -10.37 8.68 -7.48
CA ASP B 170 -10.78 7.31 -7.06
C ASP B 170 -12.28 7.43 -6.71
N TRP B 171 -12.96 6.37 -6.32
CA TRP B 171 -14.41 6.49 -6.14
C TRP B 171 -14.76 7.44 -5.00
N ASN B 172 -13.85 7.59 -4.03
CA ASN B 172 -14.13 8.51 -2.94
C ASN B 172 -14.12 9.97 -3.36
N VAL B 173 -13.67 10.29 -4.57
CA VAL B 173 -13.81 11.66 -5.05
C VAL B 173 -15.27 12.08 -4.99
N VAL B 174 -16.17 11.15 -5.34
CA VAL B 174 -17.60 11.42 -5.25
C VAL B 174 -18.07 11.32 -3.81
N HIS B 175 -17.74 10.21 -3.14
CA HIS B 175 -18.28 9.96 -1.80
C HIS B 175 -17.89 11.04 -0.81
N ASN B 176 -16.71 11.63 -0.97
CA ASN B 176 -16.28 12.65 -0.02
C ASN B 176 -17.04 13.96 -0.18
N PHE B 177 -17.69 14.18 -1.33
CA PHE B 177 -18.54 15.35 -1.48
C PHE B 177 -19.98 15.09 -1.02
N SER B 178 -20.40 13.83 -0.96
CA SER B 178 -21.82 13.49 -0.85
C SER B 178 -22.48 14.24 0.28
N TRP B 179 -21.98 14.09 1.51
CA TRP B 179 -22.68 14.64 2.67
C TRP B 179 -22.52 16.16 2.80
N TRP B 180 -21.55 16.77 2.11
CA TRP B 180 -21.54 18.23 2.03
C TRP B 180 -22.68 18.72 1.16
N ILE B 181 -22.92 18.05 0.03
CA ILE B 181 -24.08 18.37 -0.79
C ILE B 181 -25.37 18.14 -0.01
N TYR B 182 -25.48 16.99 0.66
CA TYR B 182 -26.69 16.73 1.44
C TYR B 182 -26.86 17.79 2.53
N GLY B 183 -25.79 18.12 3.25
CA GLY B 183 -25.87 19.04 4.36
C GLY B 183 -26.22 20.45 3.95
N ALA B 184 -25.94 20.81 2.71
CA ALA B 184 -26.32 22.11 2.17
C ALA B 184 -27.77 22.16 1.73
N GLY B 185 -28.42 21.01 1.64
CA GLY B 185 -29.78 20.93 1.17
C GLY B 185 -29.93 20.47 -0.26
N GLY B 186 -28.92 19.82 -0.82
CA GLY B 186 -28.99 19.32 -2.18
C GLY B 186 -28.82 17.81 -2.27
N ASP B 187 -28.75 17.31 -3.51
CA ASP B 187 -28.62 15.88 -3.79
C ASP B 187 -28.07 15.75 -5.21
N PHE B 188 -27.48 14.59 -5.50
CA PHE B 188 -26.96 14.31 -6.83
C PHE B 188 -28.09 14.14 -7.83
N VAL B 189 -29.15 13.46 -7.42
CA VAL B 189 -30.27 13.12 -8.28
C VAL B 189 -31.54 13.24 -7.45
N ASN B 190 -32.67 13.24 -8.15
CA ASN B 190 -33.96 13.36 -7.50
C ASN B 190 -34.30 12.08 -6.74
N GLU B 191 -35.47 12.11 -6.10
CA GLU B 191 -36.03 10.95 -5.42
C GLU B 191 -35.90 9.70 -6.29
N GLU B 192 -36.51 9.77 -7.48
CA GLU B 192 -36.62 8.63 -8.38
C GLU B 192 -35.28 8.09 -8.84
N GLY B 193 -34.21 8.88 -8.72
CA GLY B 193 -32.96 8.50 -9.34
C GLY B 193 -33.03 8.53 -10.85
N THR B 194 -33.89 9.38 -11.40
CA THR B 194 -34.14 9.46 -12.83
C THR B 194 -33.66 10.76 -13.47
N GLN B 195 -33.31 11.78 -12.69
CA GLN B 195 -32.78 12.99 -13.30
C GLN B 195 -31.84 13.69 -12.33
N ALA B 196 -30.86 14.39 -12.90
CA ALA B 196 -29.82 15.02 -12.12
C ALA B 196 -30.37 16.24 -11.39
N THR B 197 -29.91 16.44 -10.15
CA THR B 197 -30.20 17.65 -9.39
C THR B 197 -28.91 18.27 -8.85
N PHE B 198 -27.78 17.92 -9.48
CA PHE B 198 -26.42 18.27 -9.06
C PHE B 198 -26.14 19.76 -9.18
N SER B 199 -26.86 20.48 -10.02
CA SER B 199 -26.60 21.89 -10.27
C SER B 199 -27.60 22.80 -9.56
N SER B 200 -28.32 22.28 -8.57
CA SER B 200 -29.20 23.12 -7.78
C SER B 200 -28.39 24.13 -6.98
N GLU B 201 -29.05 25.23 -6.60
CA GLU B 201 -28.41 26.22 -5.75
C GLU B 201 -27.81 25.58 -4.50
N ASN B 202 -28.55 24.67 -3.86
CA ASN B 202 -28.05 24.09 -2.62
C ASN B 202 -26.90 23.14 -2.87
N ALA B 203 -26.97 22.35 -3.95
CA ALA B 203 -25.87 21.46 -4.28
C ALA B 203 -24.58 22.26 -4.50
N LEU B 204 -24.68 23.35 -5.27
CA LEU B 204 -23.51 24.19 -5.49
C LEU B 204 -23.01 24.81 -4.19
N LYS B 205 -23.92 25.18 -3.30
CA LYS B 205 -23.53 25.71 -1.99
C LYS B 205 -22.64 24.73 -1.24
N GLY B 206 -23.00 23.45 -1.24
CA GLY B 206 -22.19 22.46 -0.55
C GLY B 206 -20.86 22.22 -1.25
N ILE B 207 -20.89 22.12 -2.58
CA ILE B 207 -19.66 21.95 -3.35
C ILE B 207 -18.72 23.11 -3.08
N LYS B 208 -19.25 24.32 -3.06
CA LYS B 208 -18.44 25.51 -2.85
C LYS B 208 -17.85 25.52 -1.45
N PHE B 209 -18.69 25.30 -0.43
CA PHE B 209 -18.20 25.38 0.94
C PHE B 209 -17.06 24.39 1.17
N TYR B 210 -17.25 23.15 0.72
CA TYR B 210 -16.26 22.11 0.98
C TYR B 210 -14.98 22.35 0.17
N SER B 211 -15.12 22.55 -1.14
CA SER B 211 -13.93 22.70 -1.97
C SER B 211 -13.14 23.95 -1.59
N GLU B 212 -13.81 25.03 -1.20
CA GLU B 212 -13.09 26.25 -0.89
C GLU B 212 -12.36 26.18 0.45
N LEU B 213 -12.60 25.16 1.26
CA LEU B 213 -11.76 24.94 2.42
C LEU B 213 -10.29 24.82 2.02
N ALA B 214 -10.03 24.22 0.85
CA ALA B 214 -8.66 24.10 0.36
C ALA B 214 -8.15 25.43 -0.19
N VAL B 215 -9.02 26.17 -0.90
CA VAL B 215 -8.64 27.49 -1.39
C VAL B 215 -8.24 28.39 -0.23
N GLU B 216 -8.94 28.26 0.90
CA GLU B 216 -8.71 29.05 2.09
C GLU B 216 -7.52 28.60 2.89
N GLY B 217 -6.88 27.49 2.51
CA GLY B 217 -5.71 27.01 3.18
C GLY B 217 -5.97 26.16 4.40
N LEU B 218 -7.23 25.83 4.68
CA LEU B 218 -7.58 25.02 5.84
C LEU B 218 -7.47 23.54 5.52
N MET B 219 -7.99 23.13 4.37
CA MET B 219 -7.74 21.80 3.85
C MET B 219 -6.45 21.83 3.04
N ASP B 220 -5.65 20.77 3.20
CA ASP B 220 -4.28 20.75 2.69
C ASP B 220 -4.25 20.61 1.16
N GLU B 221 -3.72 21.62 0.48
CA GLU B 221 -3.68 21.55 -0.98
C GLU B 221 -2.78 20.45 -1.52
N PRO B 222 -1.56 20.24 -1.04
CA PRO B 222 -0.73 19.15 -1.58
C PRO B 222 -1.40 17.80 -1.49
N SER B 223 -2.21 17.56 -0.45
CA SER B 223 -2.87 16.27 -0.28
C SER B 223 -3.92 16.02 -1.35
N LEU B 224 -4.45 17.07 -1.99
CA LEU B 224 -5.41 16.88 -3.06
C LEU B 224 -4.80 16.20 -4.27
N GLU B 225 -3.48 16.15 -4.38
CA GLU B 225 -2.83 15.42 -5.45
C GLU B 225 -2.75 13.92 -5.16
N LYS B 226 -3.23 13.46 -4.02
CA LYS B 226 -3.03 12.09 -3.59
C LYS B 226 -4.36 11.35 -3.50
N ASN B 227 -4.26 10.03 -3.45
CA ASN B 227 -5.44 9.19 -3.38
C ASN B 227 -5.78 8.86 -1.93
N THR B 228 -6.88 8.11 -1.74
CA THR B 228 -7.36 7.83 -0.40
C THR B 228 -6.32 7.11 0.44
N SER B 229 -5.76 6.02 -0.10
CA SER B 229 -4.78 5.25 0.67
C SER B 229 -3.60 6.12 1.08
N ASP B 230 -3.13 6.99 0.17
CA ASP B 230 -2.03 7.89 0.48
C ASP B 230 -2.36 8.76 1.69
N ILE B 231 -3.58 9.30 1.74
CA ILE B 231 -3.91 10.24 2.82
C ILE B 231 -4.22 9.48 4.10
N GLU B 232 -4.83 8.30 4.02
CA GLU B 232 -4.98 7.45 5.20
C GLU B 232 -3.63 7.18 5.84
N SER B 233 -2.62 6.88 5.04
CA SER B 233 -1.31 6.59 5.59
C SER B 233 -0.67 7.85 6.15
N ALA B 234 -0.84 8.99 5.48
CA ALA B 234 -0.30 10.24 5.99
C ALA B 234 -0.91 10.57 7.36
N PHE B 235 -2.22 10.40 7.50
CA PHE B 235 -2.84 10.65 8.79
C PHE B 235 -2.23 9.73 9.85
N GLY B 236 -2.02 8.46 9.51
CA GLY B 236 -1.43 7.52 10.44
C GLY B 236 -0.01 7.84 10.82
N ASP B 237 0.65 8.72 10.05
CA ASP B 237 1.98 9.20 10.38
C ASP B 237 1.95 10.57 11.05
N GLY B 238 0.77 11.09 11.36
CA GLY B 238 0.63 12.30 12.13
C GLY B 238 0.57 13.58 11.35
N ALA B 239 0.29 13.52 10.04
CA ALA B 239 0.41 14.70 9.20
C ALA B 239 -0.72 15.70 9.38
N TYR B 240 -1.85 15.29 9.93
CA TYR B 240 -3.04 16.13 9.94
C TYR B 240 -3.69 16.18 11.31
N ALA B 241 -4.31 17.32 11.60
CA ALA B 241 -5.12 17.42 12.83
C ALA B 241 -6.44 16.66 12.68
N THR B 242 -7.02 16.66 11.48
CA THR B 242 -8.31 16.01 11.25
C THR B 242 -8.31 15.38 9.86
N ALA B 243 -9.25 14.47 9.64
CA ALA B 243 -9.50 13.87 8.34
C ALA B 243 -10.82 13.11 8.43
N PHE B 244 -11.56 13.11 7.32
CA PHE B 244 -12.77 12.29 7.22
C PHE B 244 -12.38 10.96 6.59
N MET B 245 -12.55 9.87 7.34
CA MET B 245 -12.13 8.56 6.87
C MET B 245 -13.13 7.50 7.31
N GLY B 246 -13.04 6.33 6.71
CA GLY B 246 -13.82 5.19 7.13
C GLY B 246 -13.20 4.49 8.31
N PRO B 247 -13.96 3.56 8.90
CA PRO B 247 -13.48 2.92 10.14
C PRO B 247 -12.32 1.96 9.94
N TRP B 248 -12.12 1.46 8.72
CA TRP B 248 -11.09 0.45 8.47
C TRP B 248 -9.69 0.97 8.75
N VAL B 249 -9.48 2.29 8.75
CA VAL B 249 -8.13 2.81 8.99
C VAL B 249 -7.67 2.41 10.38
N ILE B 250 -8.61 2.20 11.30
CA ILE B 250 -8.25 1.87 12.68
C ILE B 250 -7.40 0.61 12.72
N SER B 251 -7.70 -0.35 11.82
CA SER B 251 -6.90 -1.57 11.77
C SER B 251 -5.45 -1.26 11.43
N SER B 252 -5.24 -0.39 10.44
CA SER B 252 -3.89 -0.05 10.03
C SER B 252 -3.14 0.66 11.15
N TYR B 253 -3.76 1.65 11.79
CA TYR B 253 -3.08 2.38 12.84
C TYR B 253 -2.80 1.49 14.04
N THR B 254 -3.69 0.54 14.33
CA THR B 254 -3.42 -0.42 15.39
C THR B 254 -2.22 -1.28 15.03
N LYS B 255 -2.18 -1.79 13.79
CA LYS B 255 -1.05 -2.61 13.36
C LYS B 255 0.24 -1.80 13.39
N ASN B 256 0.17 -0.51 13.05
CA ASN B 256 1.38 0.31 13.04
C ASN B 256 1.99 0.42 14.42
N LYS B 257 1.15 0.55 15.46
CA LYS B 257 1.67 0.57 16.82
C LYS B 257 2.31 -0.76 17.18
N GLU B 258 1.64 -1.86 16.83
CA GLU B 258 2.16 -3.18 17.19
C GLU B 258 3.49 -3.46 16.49
N GLU B 259 3.62 -3.05 15.23
CA GLU B 259 4.79 -3.42 14.44
C GLU B 259 5.92 -2.39 14.54
N ASN B 260 5.59 -1.11 14.76
CA ASN B 260 6.57 -0.03 14.67
C ASN B 260 6.57 0.92 15.85
N GLY B 261 5.73 0.69 16.87
CA GLY B 261 5.65 1.60 17.99
C GLY B 261 4.99 2.92 17.69
N ASN B 262 4.37 3.07 16.52
CA ASN B 262 3.67 4.29 16.14
C ASN B 262 2.47 4.47 17.06
N ASP B 263 2.50 5.50 17.90
CA ASP B 263 1.46 5.72 18.90
C ASP B 263 0.33 6.63 18.40
N LEU B 264 0.23 6.84 17.09
CA LEU B 264 -0.84 7.68 16.55
C LEU B 264 -2.20 7.20 17.01
N ILE B 265 -2.41 5.87 17.06
CA ILE B 265 -3.71 5.32 17.43
C ILE B 265 -4.11 5.77 18.82
N ASP B 266 -3.13 6.04 19.69
CA ASP B 266 -3.43 6.46 21.06
C ASP B 266 -3.74 7.95 21.18
N LYS B 267 -3.61 8.72 20.09
CA LYS B 267 -3.78 10.16 20.15
C LYS B 267 -5.01 10.64 19.39
N ILE B 268 -5.90 9.73 18.98
CA ILE B 268 -6.98 10.14 18.11
C ILE B 268 -8.34 9.81 18.72
N GLY B 269 -9.33 10.60 18.31
CA GLY B 269 -10.72 10.30 18.55
C GLY B 269 -11.50 10.47 17.26
N VAL B 270 -12.79 10.20 17.34
CA VAL B 270 -13.67 10.32 16.18
C VAL B 270 -14.99 10.92 16.63
N THR B 271 -15.53 11.82 15.80
CA THR B 271 -16.84 12.39 16.04
C THR B 271 -17.63 12.36 14.75
N MET B 272 -18.92 12.65 14.84
CA MET B 272 -19.75 12.68 13.64
C MET B 272 -19.40 13.88 12.78
N VAL B 273 -19.76 13.79 11.51
CA VAL B 273 -19.53 14.87 10.55
C VAL B 273 -20.28 16.11 11.03
N PRO B 274 -19.75 17.31 10.75
CA PRO B 274 -20.43 18.52 11.19
C PRO B 274 -21.80 18.68 10.54
N GLU B 275 -22.71 19.28 11.30
CA GLU B 275 -24.07 19.51 10.85
C GLU B 275 -24.13 20.75 9.96
N GLY B 276 -24.76 20.62 8.80
CA GLY B 276 -24.97 21.73 7.90
C GLY B 276 -26.37 22.31 8.00
N PRO B 277 -26.66 23.29 7.16
CA PRO B 277 -27.94 24.02 7.27
C PRO B 277 -29.18 23.20 6.93
N ALA B 278 -29.02 22.04 6.30
CA ALA B 278 -30.14 21.13 6.05
C ALA B 278 -30.39 20.17 7.19
N GLY B 279 -29.52 20.15 8.19
CA GLY B 279 -29.44 19.08 9.14
C GLY B 279 -28.19 18.25 8.90
N ARG B 280 -28.04 17.22 9.72
CA ARG B 280 -26.88 16.35 9.62
C ARG B 280 -27.18 15.19 8.70
N TYR B 281 -26.28 14.98 7.74
CA TYR B 281 -26.32 13.86 6.80
C TYR B 281 -24.92 13.27 6.71
N ALA B 282 -24.87 11.96 6.44
CA ALA B 282 -23.60 11.25 6.32
C ALA B 282 -23.66 10.31 5.13
N PHE B 283 -22.49 9.95 4.62
CA PHE B 283 -22.39 8.96 3.56
C PHE B 283 -22.77 7.58 4.10
N MET B 284 -23.60 6.86 3.36
CA MET B 284 -23.88 5.47 3.67
C MET B 284 -23.44 4.63 2.49
N GLY B 285 -22.47 3.76 2.72
CA GLY B 285 -22.04 2.84 1.70
C GLY B 285 -21.82 1.47 2.28
N GLY B 286 -20.89 0.73 1.71
CA GLY B 286 -20.60 -0.64 2.07
C GLY B 286 -20.59 -1.51 0.85
N SER B 287 -20.63 -2.82 1.09
CA SER B 287 -20.55 -3.80 0.03
C SER B 287 -21.60 -4.89 0.23
N ASN B 288 -22.00 -5.49 -0.87
CA ASN B 288 -22.88 -6.65 -0.89
C ASN B 288 -22.12 -7.81 -1.52
N LEU B 289 -22.72 -9.00 -1.40
CA LEU B 289 -22.20 -10.21 -2.01
C LEU B 289 -23.19 -10.70 -3.06
N VAL B 290 -22.67 -11.18 -4.18
CA VAL B 290 -23.50 -11.71 -5.25
C VAL B 290 -22.95 -13.05 -5.70
N ILE B 291 -23.83 -13.89 -6.22
CA ILE B 291 -23.46 -15.18 -6.80
C ILE B 291 -23.60 -15.06 -8.32
N PHE B 292 -22.57 -15.44 -9.04
CA PHE B 292 -22.63 -15.39 -10.50
C PHE B 292 -23.49 -16.54 -11.02
N ASN B 293 -24.35 -16.22 -11.99
CA ASN B 293 -25.18 -17.23 -12.63
C ASN B 293 -24.35 -18.37 -13.23
N SER B 294 -23.08 -18.10 -13.55
CA SER B 294 -22.22 -19.10 -14.16
C SER B 294 -21.63 -20.08 -13.14
N SER B 295 -21.86 -19.87 -11.84
CA SER B 295 -21.31 -20.77 -10.84
C SER B 295 -21.86 -22.18 -11.05
N LYS B 296 -20.97 -23.16 -10.91
CA LYS B 296 -21.36 -24.57 -10.99
C LYS B 296 -21.62 -25.19 -9.63
N ASN B 297 -21.55 -24.40 -8.55
CA ASN B 297 -21.87 -24.88 -7.21
C ASN B 297 -22.67 -23.78 -6.50
N LYS B 298 -23.87 -23.52 -7.01
CA LYS B 298 -24.69 -22.44 -6.45
C LYS B 298 -25.26 -22.79 -5.08
N ASP B 299 -25.49 -24.08 -4.82
CA ASP B 299 -25.98 -24.46 -3.49
C ASP B 299 -24.94 -24.12 -2.43
N GLU B 300 -23.67 -24.47 -2.69
CA GLU B 300 -22.60 -24.15 -1.75
C GLU B 300 -22.35 -22.65 -1.69
N ALA B 301 -22.45 -21.96 -2.84
CA ALA B 301 -22.26 -20.52 -2.85
C ALA B 301 -23.31 -19.83 -1.97
N LEU B 302 -24.55 -20.30 -2.03
CA LEU B 302 -25.59 -19.71 -1.19
C LEU B 302 -25.34 -20.03 0.28
N GLU B 303 -24.85 -21.24 0.58
CA GLU B 303 -24.53 -21.56 1.96
C GLU B 303 -23.45 -20.64 2.51
N LEU B 304 -22.49 -20.24 1.68
CA LEU B 304 -21.44 -19.33 2.13
C LEU B 304 -22.01 -17.93 2.37
N LEU B 305 -22.88 -17.45 1.48
CA LEU B 305 -23.50 -16.16 1.70
C LEU B 305 -24.29 -16.16 3.02
N LYS B 306 -25.12 -17.18 3.22
CA LYS B 306 -25.85 -17.27 4.47
C LYS B 306 -24.90 -17.29 5.66
N PHE B 307 -23.75 -17.94 5.52
CA PHE B 307 -22.77 -17.95 6.60
C PHE B 307 -22.28 -16.54 6.89
N PHE B 308 -21.92 -15.79 5.84
CA PHE B 308 -21.45 -14.42 6.00
C PHE B 308 -22.52 -13.53 6.62
N ALA B 309 -23.80 -13.91 6.49
CA ALA B 309 -24.89 -13.18 7.10
C ALA B 309 -25.22 -13.70 8.50
N SER B 310 -24.53 -14.75 8.97
CA SER B 310 -24.76 -15.24 10.31
C SER B 310 -24.26 -14.22 11.32
N LYS B 311 -24.86 -14.23 12.51
CA LYS B 311 -24.46 -13.27 13.53
C LYS B 311 -22.98 -13.37 13.84
N GLU B 312 -22.46 -14.60 13.97
CA GLU B 312 -21.07 -14.76 14.38
C GLU B 312 -20.11 -14.29 13.29
N ALA B 313 -20.40 -14.61 12.02
CA ALA B 313 -19.50 -14.16 10.94
C ALA B 313 -19.55 -12.64 10.79
N GLN B 314 -20.74 -12.05 10.93
CA GLN B 314 -20.86 -10.59 10.91
C GLN B 314 -20.03 -9.95 12.01
N VAL B 315 -20.08 -10.52 13.21
CA VAL B 315 -19.30 -9.97 14.32
C VAL B 315 -17.81 -10.12 14.04
N GLU B 316 -17.37 -11.33 13.67
CA GLU B 316 -15.94 -11.54 13.47
C GLU B 316 -15.41 -10.76 12.27
N TYR B 317 -16.20 -10.61 11.21
CA TYR B 317 -15.75 -9.79 10.09
C TYR B 317 -15.62 -8.33 10.52
N SER B 318 -16.53 -7.86 11.37
CA SER B 318 -16.44 -6.47 11.83
C SER B 318 -15.18 -6.27 12.67
N LYS B 319 -14.84 -7.24 13.51
CA LYS B 319 -13.67 -7.09 14.37
C LYS B 319 -12.40 -6.97 13.54
N VAL B 320 -12.28 -7.75 12.48
CA VAL B 320 -11.02 -7.75 11.73
C VAL B 320 -10.98 -6.58 10.75
N SER B 321 -12.11 -6.23 10.13
CA SER B 321 -12.13 -5.21 9.09
C SER B 321 -12.48 -3.82 9.61
N LYS B 322 -13.20 -3.74 10.73
CA LYS B 322 -13.77 -2.52 11.28
C LYS B 322 -14.97 -2.03 10.48
N MET B 323 -15.44 -2.80 9.50
CA MET B 323 -16.69 -2.46 8.84
C MET B 323 -17.86 -2.74 9.78
N LEU B 324 -19.02 -2.16 9.47
CA LEU B 324 -20.22 -2.31 10.27
C LEU B 324 -21.09 -3.44 9.76
N PRO B 325 -21.64 -4.25 10.67
CA PRO B 325 -22.56 -5.32 10.24
C PRO B 325 -23.84 -4.80 9.63
N VAL B 326 -24.44 -5.63 8.78
CA VAL B 326 -25.76 -5.37 8.21
C VAL B 326 -26.85 -6.20 8.86
N VAL B 327 -26.50 -7.03 9.84
CA VAL B 327 -27.44 -7.94 10.49
C VAL B 327 -27.72 -7.42 11.89
N LYS B 328 -28.99 -7.16 12.17
CA LYS B 328 -29.39 -6.55 13.44
C LYS B 328 -28.81 -7.27 14.65
N ALA B 329 -28.87 -8.61 14.65
CA ALA B 329 -28.47 -9.37 15.82
C ALA B 329 -26.98 -9.24 16.13
N ALA B 330 -26.16 -8.87 15.14
CA ALA B 330 -24.74 -8.71 15.39
C ALA B 330 -24.48 -7.60 16.41
N TYR B 331 -25.38 -6.62 16.50
CA TYR B 331 -25.22 -5.51 17.43
C TYR B 331 -25.64 -5.87 18.85
N GLU B 332 -26.07 -7.10 19.09
CA GLU B 332 -26.19 -7.60 20.45
C GLU B 332 -24.82 -7.86 21.07
N ASP B 333 -23.76 -7.95 20.26
CA ASP B 333 -22.43 -8.31 20.74
C ASP B 333 -21.78 -7.11 21.43
N PRO B 334 -21.11 -7.32 22.56
CA PRO B 334 -20.51 -6.19 23.27
C PRO B 334 -19.48 -5.42 22.48
N TYR B 335 -18.86 -6.03 21.46
CA TYR B 335 -17.76 -5.38 20.75
C TYR B 335 -18.17 -4.01 20.20
N PHE B 336 -19.44 -3.84 19.83
CA PHE B 336 -19.89 -2.61 19.20
C PHE B 336 -20.16 -1.50 20.21
N GLU B 337 -19.83 -1.72 21.48
CA GLU B 337 -19.71 -0.62 22.41
C GLU B 337 -18.44 0.20 22.17
N ASP B 338 -17.52 -0.30 21.34
CA ASP B 338 -16.22 0.33 21.15
C ASP B 338 -16.36 1.84 20.94
N SER B 339 -15.43 2.59 21.52
CA SER B 339 -15.55 4.05 21.56
C SER B 339 -15.58 4.65 20.16
N LEU B 340 -14.77 4.12 19.24
CA LEU B 340 -14.74 4.66 17.90
C LEU B 340 -15.84 4.06 17.03
N MET B 341 -16.00 2.74 17.06
CA MET B 341 -16.99 2.09 16.21
C MET B 341 -18.40 2.61 16.47
N LYS B 342 -18.71 2.89 17.73
CA LYS B 342 -20.09 3.29 18.12
C LYS B 342 -20.44 4.60 17.39
N VAL B 343 -19.46 5.46 17.13
CA VAL B 343 -19.74 6.72 16.43
C VAL B 343 -20.17 6.45 15.00
N PHE B 344 -19.48 5.52 14.32
CA PHE B 344 -19.85 5.18 12.95
C PHE B 344 -21.25 4.58 12.90
N LYS B 345 -21.55 3.67 13.83
CA LYS B 345 -22.87 3.03 13.86
C LYS B 345 -23.97 4.06 14.13
N GLU B 346 -23.79 4.89 15.15
CA GLU B 346 -24.79 5.91 15.45
C GLU B 346 -24.97 6.85 14.26
N GLN B 347 -23.86 7.26 13.64
CA GLN B 347 -23.96 8.23 12.57
C GLN B 347 -24.70 7.67 11.37
N VAL B 348 -24.37 6.45 10.97
CA VAL B 348 -25.00 5.90 9.77
C VAL B 348 -26.46 5.57 10.05
N ASP B 349 -26.77 5.12 11.27
CA ASP B 349 -28.15 4.84 11.64
C ASP B 349 -29.01 6.11 11.59
N LYS B 350 -28.56 7.18 12.25
CA LYS B 350 -29.38 8.38 12.39
C LYS B 350 -29.40 9.22 11.13
N TYR B 351 -28.26 9.30 10.43
CA TYR B 351 -28.06 10.30 9.39
C TYR B 351 -27.55 9.74 8.07
N GLY B 352 -27.36 8.43 7.97
CA GLY B 352 -26.79 7.86 6.77
C GLY B 352 -27.74 7.96 5.60
N LYS B 353 -27.22 8.38 4.45
CA LYS B 353 -27.96 8.50 3.21
C LYS B 353 -27.17 7.79 2.11
N HIS B 354 -27.83 6.88 1.42
CA HIS B 354 -27.20 6.13 0.33
CA HIS B 354 -27.23 6.08 0.33
C HIS B 354 -27.77 6.59 -1.01
N TYR B 355 -26.95 6.46 -2.05
CA TYR B 355 -27.39 6.85 -3.36
C TYR B 355 -28.56 5.98 -3.82
N ALA B 356 -29.32 6.52 -4.77
CA ALA B 356 -30.39 5.76 -5.41
C ALA B 356 -29.81 4.51 -6.07
N SER B 357 -30.44 3.36 -5.81
CA SER B 357 -29.92 2.06 -6.27
C SER B 357 -30.48 1.75 -7.66
N VAL B 358 -30.01 2.52 -8.63
CA VAL B 358 -30.51 2.43 -10.00
C VAL B 358 -29.40 1.90 -10.90
N PRO B 359 -29.75 1.24 -12.01
CA PRO B 359 -28.70 0.55 -12.80
C PRO B 359 -27.70 1.51 -13.41
N GLY B 360 -28.09 2.73 -13.68
CA GLY B 360 -27.17 3.71 -14.21
C GLY B 360 -26.23 4.33 -13.22
N TRP B 361 -26.34 3.98 -11.93
CA TRP B 361 -25.59 4.72 -10.93
C TRP B 361 -24.08 4.50 -11.06
N ALA B 362 -23.67 3.28 -11.43
CA ALA B 362 -22.23 3.06 -11.60
C ALA B 362 -21.66 3.96 -12.69
N SER B 363 -22.37 4.08 -13.82
CA SER B 363 -21.93 5.01 -14.86
C SER B 363 -21.96 6.45 -14.37
N ALA B 364 -22.92 6.79 -13.50
CA ALA B 364 -22.95 8.12 -12.93
C ALA B 364 -21.73 8.39 -12.06
N GLU B 365 -21.26 7.39 -11.32
CA GLU B 365 -20.07 7.59 -10.49
C GLU B 365 -18.85 7.89 -11.35
N VAL B 366 -18.75 7.27 -12.52
CA VAL B 366 -17.67 7.62 -13.45
C VAL B 366 -17.78 9.09 -13.84
N ILE B 367 -18.99 9.55 -14.12
CA ILE B 367 -19.19 10.94 -14.56
C ILE B 367 -18.97 11.91 -13.40
N PHE B 368 -19.52 11.59 -12.22
CA PHE B 368 -19.30 12.46 -11.06
C PHE B 368 -17.84 12.48 -10.64
N SER B 369 -17.15 11.33 -10.76
CA SER B 369 -15.73 11.29 -10.42
C SER B 369 -14.93 12.21 -11.34
N GLU B 370 -15.21 12.15 -12.63
CA GLU B 370 -14.49 13.00 -13.58
C GLU B 370 -14.76 14.47 -13.32
N GLY B 371 -16.01 14.83 -13.02
CA GLY B 371 -16.34 16.22 -12.82
C GLY B 371 -15.77 16.79 -11.54
N LEU B 372 -15.89 16.04 -10.44
CA LEU B 372 -15.36 16.52 -9.16
C LEU B 372 -13.85 16.56 -9.16
N SER B 373 -13.19 15.65 -9.88
CA SER B 373 -11.74 15.74 -10.00
C SER B 373 -11.33 17.01 -10.72
N LYS B 374 -12.11 17.43 -11.72
CA LYS B 374 -11.86 18.71 -12.38
C LYS B 374 -12.07 19.89 -11.45
N ILE B 375 -13.00 19.78 -10.51
CA ILE B 375 -13.16 20.84 -9.51
C ILE B 375 -11.91 20.91 -8.65
N TRP B 376 -11.34 19.77 -8.26
CA TRP B 376 -10.10 19.81 -7.49
C TRP B 376 -8.96 20.39 -8.33
N ASP B 377 -8.94 20.10 -9.63
CA ASP B 377 -7.95 20.71 -10.51
C ASP B 377 -8.08 22.23 -10.50
N ASN B 378 -9.32 22.73 -10.49
CA ASN B 378 -9.59 24.16 -10.38
C ASN B 378 -9.02 24.72 -9.07
N VAL B 379 -9.37 24.06 -7.95
CA VAL B 379 -8.86 24.47 -6.65
C VAL B 379 -7.33 24.45 -6.62
N MET B 380 -6.73 23.43 -7.22
CA MET B 380 -5.28 23.29 -7.22
C MET B 380 -4.58 24.20 -8.24
N GLU B 381 -5.33 24.94 -9.05
CA GLU B 381 -4.75 25.91 -9.99
C GLU B 381 -3.79 25.22 -10.96
N VAL B 382 -4.21 24.04 -11.44
CA VAL B 382 -3.48 23.31 -12.47
C VAL B 382 -3.43 24.12 -13.75
N ASP B 383 -4.51 24.84 -14.05
CA ASP B 383 -4.68 25.54 -15.32
C ASP B 383 -5.46 26.83 -15.05
N GLY B 384 -4.81 27.75 -14.36
CA GLY B 384 -5.41 29.04 -14.06
C GLY B 384 -5.76 29.16 -12.58
N ALA B 385 -5.85 30.40 -12.13
CA ALA B 385 -6.21 30.68 -10.75
C ALA B 385 -7.55 30.04 -10.43
N TYR B 386 -7.72 29.67 -9.16
CA TYR B 386 -9.01 29.14 -8.74
C TYR B 386 -10.11 30.14 -9.10
N SER B 387 -11.19 29.62 -9.67
CA SER B 387 -12.34 30.42 -10.07
C SER B 387 -13.61 29.66 -9.76
N TYR B 388 -14.47 30.22 -8.92
CA TYR B 388 -15.74 29.57 -8.62
C TYR B 388 -16.59 29.41 -9.89
N ASP B 389 -16.52 30.39 -10.79
CA ASP B 389 -17.24 30.29 -12.06
C ASP B 389 -16.87 29.02 -12.80
N LYS B 390 -15.60 28.61 -12.71
CA LYS B 390 -15.18 27.38 -13.38
C LYS B 390 -15.86 26.17 -12.76
N THR B 391 -15.98 26.15 -11.43
CA THR B 391 -16.71 25.07 -10.77
C THR B 391 -18.16 25.02 -11.22
N VAL B 392 -18.81 26.18 -11.33
CA VAL B 392 -20.21 26.20 -11.75
C VAL B 392 -20.36 25.59 -13.13
N GLN B 393 -19.46 25.95 -14.06
CA GLN B 393 -19.57 25.40 -15.41
C GLN B 393 -19.37 23.89 -15.40
N ILE B 394 -18.39 23.41 -14.63
CA ILE B 394 -18.16 21.97 -14.54
C ILE B 394 -19.43 21.28 -14.05
N VAL B 395 -20.04 21.81 -13.00
CA VAL B 395 -21.24 21.20 -12.43
C VAL B 395 -22.38 21.18 -13.45
N LYS B 396 -22.52 22.26 -14.23
CA LYS B 396 -23.57 22.28 -15.25
C LYS B 396 -23.29 21.24 -16.32
N ASP B 397 -22.02 21.06 -16.69
CA ASP B 397 -21.67 20.07 -17.70
C ASP B 397 -21.91 18.65 -17.18
N VAL B 398 -21.63 18.42 -15.89
CA VAL B 398 -21.87 17.11 -15.30
C VAL B 398 -23.37 16.79 -15.31
N GLU B 399 -24.18 17.77 -14.90
CA GLU B 399 -25.64 17.57 -14.91
C GLU B 399 -26.11 17.03 -16.25
N SER B 400 -25.59 17.57 -17.35
CA SER B 400 -26.05 17.17 -18.67
C SER B 400 -25.71 15.72 -18.96
N GLN B 401 -24.47 15.29 -18.66
CA GLN B 401 -24.09 13.91 -18.93
C GLN B 401 -24.88 12.94 -18.05
N ILE B 402 -25.11 13.32 -16.79
CA ILE B 402 -25.87 12.45 -15.90
C ILE B 402 -27.27 12.21 -16.46
N ASN B 403 -27.95 13.28 -16.85
CA ASN B 403 -29.28 13.13 -17.43
C ASN B 403 -29.25 12.21 -18.64
N GLN B 404 -28.22 12.36 -19.47
CA GLN B 404 -28.09 11.47 -20.62
C GLN B 404 -27.99 10.01 -20.17
N ILE B 405 -27.21 9.74 -19.11
CA ILE B 405 -27.04 8.37 -18.64
C ILE B 405 -28.33 7.83 -18.05
N LEU B 406 -29.00 8.63 -17.22
CA LEU B 406 -30.22 8.14 -16.57
C LEU B 406 -31.34 7.95 -17.59
N GLN B 407 -31.35 8.72 -18.68
CA GLN B 407 -32.34 8.50 -19.72
C GLN B 407 -32.02 7.28 -20.57
N GLU B 408 -30.83 6.68 -20.43
CA GLU B 408 -30.57 5.40 -21.07
C GLU B 408 -31.44 4.29 -20.50
N THR B 409 -31.80 4.39 -19.22
CA THR B 409 -32.61 3.37 -18.56
C THR B 409 -34.10 3.57 -18.83
#